data_8YY7
#
_entry.id   8YY7
#
_cell.length_a   84.970
_cell.length_b   84.970
_cell.length_c   136.220
_cell.angle_alpha   90.00
_cell.angle_beta   90.00
_cell.angle_gamma   90.00
#
_symmetry.space_group_name_H-M   'P 43'
#
loop_
_entity.id
_entity.type
_entity.pdbx_description
1 polymer PtmB
2 non-polymer (3S,6S)-3,6-bis[(1H-indol-3-yl)methyl]piperazine-2,5-dione
3 non-polymer HYPOXANTHINE
4 non-polymer 'PROTOPORPHYRIN IX CONTAINING FE'
5 water water
#
_entity_poly.entity_id   1
_entity_poly.type   'polypeptide(L)'
_entity_poly.pdbx_seq_one_letter_code
;MTTTAQRDPVLPGTAHHPPLPDFPLSRRGDILPAEAERLRAEQPVARVRTMTGDEAWLVSSYELAKQVLEDDRFSLKDTA
NPGVPRQYALTIPPEVVNNMGNINSAGLRNAVMKTLSPQADRELGGWLEAQAHQLLDRLIEQGPPADLRDGFTEPYSAAL
HCRLLGIPTDDWRRLMSGIDVAFITSPRTFEGSAVNWYKDLGYMVDRLNADPEPTEGLLGRFAELRRSPDVSDQVSDELL
ATVALSLFGAGAVSTSAFLQHAIIALAQQPELADRLRAEPAVIGRAVDELLRYNLSIGDALPRIALADVRLGEVEIRAGE
LVLVLIEGANYDPAVFPHPERIDFDRESNPHLAFGGGQHFCPASALGRTHAEIALTALVEKLPALRLALPVEQLAWRPGF
IKRLPERLPVLW
;
_entity_poly.pdbx_strand_id   A,B
#
# COMPACT_ATOMS: atom_id res chain seq x y z
N PRO A 19 9.06 16.55 28.85
CA PRO A 19 8.98 15.77 27.60
C PRO A 19 8.19 16.48 26.50
N LEU A 20 8.80 16.68 25.35
CA LEU A 20 8.09 17.43 24.30
C LEU A 20 7.13 16.51 23.55
N PRO A 21 5.92 16.97 23.25
CA PRO A 21 5.03 16.20 22.38
C PRO A 21 5.66 15.96 21.03
N ASP A 22 5.41 14.78 20.47
CA ASP A 22 5.96 14.41 19.19
C ASP A 22 5.04 14.90 18.06
N PHE A 23 5.66 15.22 16.94
CA PHE A 23 4.94 15.51 15.71
C PHE A 23 5.62 14.71 14.61
N PRO A 24 4.86 14.19 13.63
CA PRO A 24 3.42 14.31 13.32
C PRO A 24 2.53 13.50 14.24
N LEU A 25 1.21 13.67 14.10
CA LEU A 25 0.28 13.31 15.17
C LEU A 25 -0.17 11.86 15.19
N SER A 26 -0.52 11.31 14.03
CA SER A 26 -1.14 9.99 13.92
C SER A 26 -1.36 9.88 12.43
N ARG A 27 -1.42 8.65 11.92
CA ARG A 27 -1.50 8.40 10.49
C ARG A 27 -2.96 8.07 10.21
N ARG A 28 -3.72 7.73 11.24
CA ARG A 28 -5.10 7.32 11.06
C ARG A 28 -5.92 8.54 10.67
N GLY A 29 -6.57 8.48 9.51
CA GLY A 29 -7.22 9.64 8.93
C GLY A 29 -8.72 9.68 9.02
N ASP A 30 -9.37 8.77 9.75
CA ASP A 30 -10.81 8.80 9.71
C ASP A 30 -11.45 9.47 10.92
N ILE A 31 -10.67 9.79 11.95
CA ILE A 31 -11.11 10.63 13.07
C ILE A 31 -9.99 11.59 13.46
N LEU A 32 -10.38 12.75 13.95
CA LEU A 32 -9.39 13.71 14.43
C LEU A 32 -8.51 13.05 15.48
N PRO A 33 -7.19 13.14 15.38
CA PRO A 33 -6.33 12.64 16.48
C PRO A 33 -6.71 13.35 17.76
N ALA A 34 -6.94 12.56 18.82
CA ALA A 34 -7.24 13.14 20.12
C ALA A 34 -6.19 14.18 20.52
N GLU A 35 -4.94 13.95 20.13
CA GLU A 35 -3.88 14.88 20.47
C GLU A 35 -4.12 16.26 19.88
N ALA A 36 -4.74 16.34 18.69
CA ALA A 36 -5.03 17.63 18.08
C ALA A 36 -5.99 18.45 18.94
N GLU A 37 -7.00 17.80 19.50
CA GLU A 37 -7.92 18.51 20.38
C GLU A 37 -7.24 18.91 21.69
N ARG A 38 -6.33 18.07 22.20
CA ARG A 38 -5.66 18.40 23.45
C ARG A 38 -4.70 19.57 23.27
N LEU A 39 -3.88 19.52 22.22
CA LEU A 39 -3.00 20.66 21.91
C LEU A 39 -3.79 21.95 21.79
N ARG A 40 -4.89 21.93 21.02
CA ARG A 40 -5.60 23.18 20.78
C ARG A 40 -6.18 23.75 22.06
N ALA A 41 -6.67 22.89 22.96
CA ALA A 41 -7.35 23.35 24.16
C ALA A 41 -6.38 23.81 25.24
N GLU A 42 -5.20 23.22 25.34
CA GLU A 42 -4.29 23.49 26.44
C GLU A 42 -3.06 24.29 26.05
N GLN A 43 -2.53 24.07 24.84
CA GLN A 43 -1.34 24.78 24.38
C GLN A 43 -1.45 25.01 22.88
N PRO A 44 -2.30 25.96 22.46
CA PRO A 44 -2.53 26.16 21.02
C PRO A 44 -1.28 26.57 20.25
N VAL A 45 -0.27 27.12 20.92
CA VAL A 45 1.08 27.24 20.36
C VAL A 45 1.96 26.41 21.26
N ALA A 46 2.46 25.29 20.73
CA ALA A 46 3.13 24.28 21.55
C ALA A 46 4.47 23.93 20.95
N ARG A 47 5.51 23.90 21.78
CA ARG A 47 6.80 23.38 21.34
C ARG A 47 6.70 21.87 21.18
N VAL A 48 7.12 21.37 20.01
CA VAL A 48 7.06 19.95 19.70
C VAL A 48 8.40 19.51 19.12
N ARG A 49 8.60 18.20 19.15
CA ARG A 49 9.77 17.54 18.56
C ARG A 49 9.32 16.88 17.25
N THR A 50 9.86 17.36 16.14
CA THR A 50 9.52 16.79 14.85
C THR A 50 10.29 15.48 14.63
N MET A 51 9.93 14.76 13.56
CA MET A 51 10.56 13.47 13.27
C MET A 51 12.04 13.62 12.97
N THR A 52 12.50 14.82 12.61
CA THR A 52 13.94 15.03 12.39
C THR A 52 14.72 15.14 13.69
N GLY A 53 14.03 15.26 14.83
CA GLY A 53 14.67 15.68 16.05
C GLY A 53 14.71 17.19 16.24
N ASP A 54 14.41 17.97 15.21
CA ASP A 54 14.33 19.41 15.39
C ASP A 54 13.11 19.78 16.24
N GLU A 55 13.12 20.99 16.75
CA GLU A 55 11.96 21.50 17.48
C GLU A 55 11.22 22.52 16.64
N ALA A 56 9.95 22.72 16.98
CA ALA A 56 9.09 23.62 16.22
C ALA A 56 7.98 24.09 17.13
N TRP A 57 7.30 25.16 16.71
CA TRP A 57 6.07 25.61 17.33
C TRP A 57 4.88 25.10 16.52
N LEU A 58 4.07 24.24 17.13
CA LEU A 58 2.87 23.71 16.48
C LEU A 58 1.67 24.56 16.86
N VAL A 59 1.01 25.14 15.85
CA VAL A 59 -0.07 26.10 16.04
C VAL A 59 -1.38 25.43 15.67
N SER A 60 -2.28 25.26 16.66
CA SER A 60 -3.41 24.36 16.46
C SER A 60 -4.80 24.94 16.69
N SER A 61 -4.92 26.21 17.05
CA SER A 61 -6.23 26.84 17.09
C SER A 61 -6.47 27.65 15.83
N TYR A 62 -7.76 27.83 15.50
CA TYR A 62 -8.11 28.51 14.26
C TYR A 62 -7.56 29.93 14.22
N GLU A 63 -7.76 30.68 15.28
CA GLU A 63 -7.39 32.10 15.30
C GLU A 63 -5.89 32.27 15.06
N LEU A 64 -5.08 31.48 15.76
CA LEU A 64 -3.63 31.60 15.64
C LEU A 64 -3.11 30.98 14.34
N ALA A 65 -3.73 29.89 13.88
CA ALA A 65 -3.41 29.35 12.56
C ALA A 65 -3.56 30.42 11.48
N LYS A 66 -4.74 31.04 11.42
CA LYS A 66 -5.02 32.02 10.37
C LYS A 66 -4.07 33.20 10.47
N GLN A 67 -3.79 33.63 11.71
CA GLN A 67 -2.81 34.70 11.92
C GLN A 67 -1.47 34.36 11.28
N VAL A 68 -0.94 33.16 11.56
CA VAL A 68 0.32 32.75 10.96
C VAL A 68 0.24 32.79 9.44
N LEU A 69 -0.81 32.19 8.87
CA LEU A 69 -0.90 32.17 7.41
C LEU A 69 -0.95 33.59 6.84
N GLU A 70 -1.54 34.54 7.57
CA GLU A 70 -1.69 35.88 7.02
C GLU A 70 -0.58 36.85 7.42
N ASP A 71 0.39 36.41 8.22
CA ASP A 71 1.52 37.24 8.63
C ASP A 71 2.74 36.79 7.84
N ASP A 72 3.21 37.63 6.92
CA ASP A 72 4.27 37.21 6.00
C ASP A 72 5.66 37.29 6.61
N ARG A 73 5.79 37.61 7.89
CA ARG A 73 7.08 37.36 8.54
C ARG A 73 7.21 35.92 9.01
N PHE A 74 6.17 35.09 8.79
CA PHE A 74 6.30 33.64 8.80
C PHE A 74 6.42 33.22 7.35
N SER A 75 7.62 32.81 6.94
CA SER A 75 7.99 32.66 5.54
C SER A 75 8.00 31.20 5.12
N LEU A 76 7.34 30.92 3.98
CA LEU A 76 7.32 29.57 3.43
C LEU A 76 8.63 29.27 2.70
N LYS A 77 9.07 30.17 1.84
CA LYS A 77 10.28 29.91 1.00
C LYS A 77 11.49 29.56 1.88
N ASP A 78 11.61 30.23 3.02
CA ASP A 78 12.79 30.01 3.84
C ASP A 78 12.81 28.67 4.56
N THR A 79 11.69 27.93 4.56
CA THR A 79 11.71 26.60 5.19
C THR A 79 12.66 25.65 4.47
N ALA A 80 12.99 25.93 3.22
CA ALA A 80 13.87 25.11 2.39
C ALA A 80 15.35 25.47 2.56
N ASN A 81 15.66 26.50 3.34
CA ASN A 81 17.04 26.97 3.44
C ASN A 81 17.93 25.92 4.12
N PRO A 82 19.20 25.83 3.70
CA PRO A 82 20.13 24.94 4.41
C PRO A 82 20.19 25.30 5.89
N GLY A 83 20.17 24.27 6.73
CA GLY A 83 20.41 24.48 8.14
C GLY A 83 19.27 25.04 8.95
N VAL A 84 18.09 25.28 8.38
CA VAL A 84 16.96 25.69 9.21
C VAL A 84 16.34 24.44 9.85
N PRO A 85 15.63 24.57 10.96
CA PRO A 85 14.90 23.40 11.49
C PRO A 85 13.84 22.93 10.51
N ARG A 86 13.57 21.63 10.54
CA ARG A 86 12.72 20.96 9.56
C ARG A 86 11.77 19.99 10.24
N GLN A 87 10.55 19.86 9.69
CA GLN A 87 9.67 18.77 10.08
C GLN A 87 10.00 17.46 9.34
N TYR A 88 10.67 17.53 8.19
CA TYR A 88 11.18 16.33 7.54
C TYR A 88 12.15 16.77 6.48
N ALA A 89 12.94 15.81 5.98
CA ALA A 89 13.97 16.12 4.99
C ALA A 89 13.37 16.73 3.72
N LEU A 90 14.08 17.71 3.17
CA LEU A 90 13.80 18.18 1.83
C LEU A 90 13.95 17.05 0.84
N THR A 91 12.92 16.84 0.00
CA THR A 91 12.96 15.86 -1.07
C THR A 91 12.93 16.47 -2.46
N ILE A 92 12.93 17.80 -2.57
CA ILE A 92 12.96 18.47 -3.88
C ILE A 92 14.04 19.55 -3.80
N PRO A 93 14.47 20.08 -4.95
CA PRO A 93 15.36 21.25 -4.92
C PRO A 93 14.71 22.35 -4.11
N PRO A 94 15.48 23.07 -3.28
CA PRO A 94 14.87 24.07 -2.39
C PRO A 94 14.09 25.15 -3.13
N GLU A 95 14.47 25.47 -4.38
CA GLU A 95 13.74 26.48 -5.12
C GLU A 95 12.28 26.08 -5.35
N VAL A 96 12.01 24.78 -5.39
CA VAL A 96 10.68 24.30 -5.74
C VAL A 96 9.68 24.57 -4.61
N VAL A 97 10.15 24.68 -3.36
CA VAL A 97 9.25 25.09 -2.28
C VAL A 97 8.73 26.51 -2.55
N ASN A 98 9.51 27.31 -3.26
CA ASN A 98 9.14 28.64 -3.73
C ASN A 98 8.52 28.59 -5.14
N ASN A 99 7.87 27.49 -5.50
CA ASN A 99 7.32 27.30 -6.83
C ASN A 99 6.57 28.54 -7.32
N MET A 100 5.57 28.98 -6.57
CA MET A 100 4.78 30.10 -7.04
C MET A 100 5.61 31.38 -7.13
N GLY A 101 6.57 31.56 -6.22
CA GLY A 101 7.50 32.68 -6.35
C GLY A 101 8.24 32.67 -7.67
N ASN A 102 8.85 31.52 -8.01
CA ASN A 102 9.56 31.41 -9.28
C ASN A 102 8.62 31.60 -10.45
N ILE A 103 7.38 31.12 -10.34
CA ILE A 103 6.41 31.27 -11.42
C ILE A 103 6.09 32.73 -11.66
N ASN A 104 5.88 33.49 -10.57
CA ASN A 104 5.53 34.90 -10.71
C ASN A 104 6.67 35.74 -11.27
N SER A 105 7.91 35.42 -10.91
CA SER A 105 9.03 36.26 -11.33
C SER A 105 9.49 35.95 -12.74
N ALA A 106 9.26 34.73 -13.22
CA ALA A 106 9.70 34.33 -14.54
C ALA A 106 8.66 34.62 -15.61
N GLY A 107 7.61 35.39 -15.29
CA GLY A 107 6.57 35.67 -16.25
C GLY A 107 5.71 34.47 -16.63
N LEU A 108 5.71 33.42 -15.81
CA LEU A 108 4.95 32.20 -16.07
C LEU A 108 3.56 32.22 -15.44
N ARG A 109 3.21 33.28 -14.71
CA ARG A 109 1.99 33.28 -13.92
C ARG A 109 0.75 33.16 -14.80
N ASN A 110 0.70 33.90 -15.90
CA ASN A 110 -0.48 33.89 -16.76
C ASN A 110 -0.76 32.50 -17.30
N ALA A 111 0.28 31.84 -17.84
CA ALA A 111 0.14 30.48 -18.34
C ALA A 111 -0.32 29.54 -17.24
N VAL A 112 0.29 29.63 -16.06
CA VAL A 112 -0.05 28.74 -14.95
C VAL A 112 -1.50 28.97 -14.51
N MET A 113 -1.86 30.22 -14.22
CA MET A 113 -3.21 30.48 -13.72
C MET A 113 -4.27 30.12 -14.76
N LYS A 114 -3.98 30.35 -16.04
CA LYS A 114 -4.93 29.96 -17.08
C LYS A 114 -5.13 28.45 -17.07
N THR A 115 -4.05 27.70 -16.85
CA THR A 115 -4.13 26.24 -16.78
C THR A 115 -4.93 25.78 -15.57
N LEU A 116 -4.78 26.46 -14.43
CA LEU A 116 -5.48 26.04 -13.22
C LEU A 116 -6.92 26.51 -13.18
N SER A 117 -7.34 27.40 -14.09
CA SER A 117 -8.71 27.89 -14.12
C SER A 117 -9.66 26.90 -14.80
N PRO A 118 -10.58 26.29 -14.06
CA PRO A 118 -11.56 25.40 -14.71
C PRO A 118 -12.39 26.10 -15.77
N GLN A 119 -12.57 27.42 -15.65
CA GLN A 119 -13.35 28.16 -16.63
C GLN A 119 -12.61 28.29 -17.97
N ALA A 120 -11.27 28.29 -17.95
CA ALA A 120 -10.52 28.41 -19.19
C ALA A 120 -10.59 27.15 -20.03
N ASP A 121 -11.05 26.03 -19.46
CA ASP A 121 -11.19 24.76 -20.18
C ASP A 121 -12.69 24.44 -20.19
N ARG A 122 -13.39 25.04 -21.16
CA ARG A 122 -14.86 24.95 -21.20
C ARG A 122 -15.36 23.51 -21.26
N GLU A 123 -14.53 22.58 -21.73
CA GLU A 123 -14.87 21.17 -21.79
C GLU A 123 -14.55 20.40 -20.50
N LEU A 124 -13.83 21.01 -19.56
CA LEU A 124 -13.27 20.22 -18.46
C LEU A 124 -14.35 19.49 -17.67
N GLY A 125 -15.45 20.18 -17.36
CA GLY A 125 -16.51 19.56 -16.59
C GLY A 125 -17.09 18.31 -17.22
N GLY A 126 -17.53 18.39 -18.48
CA GLY A 126 -18.07 17.20 -19.13
C GLY A 126 -17.03 16.09 -19.24
N TRP A 127 -15.78 16.46 -19.49
CA TRP A 127 -14.72 15.45 -19.63
C TRP A 127 -14.44 14.76 -18.30
N LEU A 128 -14.32 15.53 -17.21
CA LEU A 128 -14.14 14.92 -15.89
C LEU A 128 -15.29 14.00 -15.52
N GLU A 129 -16.53 14.42 -15.80
CA GLU A 129 -17.67 13.54 -15.54
C GLU A 129 -17.52 12.22 -16.30
N ALA A 130 -17.09 12.29 -17.55
CA ALA A 130 -17.01 11.08 -18.36
C ALA A 130 -15.87 10.18 -17.89
N GLN A 131 -14.73 10.77 -17.50
CA GLN A 131 -13.65 9.98 -16.90
C GLN A 131 -14.13 9.26 -15.65
N ALA A 132 -14.85 9.96 -14.77
CA ALA A 132 -15.29 9.33 -13.51
C ALA A 132 -16.23 8.18 -13.81
N HIS A 133 -17.13 8.37 -14.77
CA HIS A 133 -18.09 7.32 -15.10
C HIS A 133 -17.41 6.10 -15.74
N GLN A 134 -16.41 6.32 -16.59
CA GLN A 134 -15.75 5.17 -17.22
C GLN A 134 -15.06 4.32 -16.17
N LEU A 135 -14.42 4.96 -15.21
CA LEU A 135 -13.75 4.22 -14.13
C LEU A 135 -14.75 3.48 -13.25
N LEU A 136 -15.88 4.12 -12.94
CA LEU A 136 -16.88 3.44 -12.12
C LEU A 136 -17.57 2.31 -12.89
N ASP A 137 -17.85 2.51 -14.18
CA ASP A 137 -18.47 1.45 -14.97
C ASP A 137 -17.56 0.23 -15.05
N ARG A 138 -16.25 0.45 -15.22
CA ARG A 138 -15.29 -0.65 -15.17
C ARG A 138 -15.38 -1.41 -13.86
N LEU A 139 -15.50 -0.71 -12.73
CA LEU A 139 -15.61 -1.42 -11.47
C LEU A 139 -16.95 -2.14 -11.36
N ILE A 140 -18.02 -1.54 -11.89
CA ILE A 140 -19.32 -2.22 -11.91
C ILE A 140 -19.24 -3.49 -12.76
N GLU A 141 -18.61 -3.39 -13.93
CA GLU A 141 -18.37 -4.56 -14.78
C GLU A 141 -17.79 -5.73 -13.96
N GLN A 142 -16.76 -5.46 -13.18
CA GLN A 142 -16.06 -6.53 -12.48
C GLN A 142 -16.79 -6.97 -11.22
N GLY A 143 -17.55 -6.06 -10.59
CA GLY A 143 -18.31 -6.42 -9.41
C GLY A 143 -17.56 -6.15 -8.12
N PRO A 144 -18.28 -6.04 -7.01
CA PRO A 144 -17.63 -5.69 -5.73
C PRO A 144 -16.96 -6.90 -5.10
N PRO A 145 -15.99 -6.71 -4.20
CA PRO A 145 -15.48 -5.42 -3.75
C PRO A 145 -14.50 -4.80 -4.75
N ALA A 146 -14.15 -3.55 -4.49
CA ALA A 146 -13.12 -2.91 -5.30
C ALA A 146 -12.35 -1.96 -4.41
N ASP A 147 -11.15 -1.61 -4.86
CA ASP A 147 -10.30 -0.62 -4.22
C ASP A 147 -10.50 0.70 -4.95
N LEU A 148 -11.17 1.65 -4.30
CA LEU A 148 -11.45 2.93 -4.95
C LEU A 148 -10.24 3.84 -5.01
N ARG A 149 -9.13 3.49 -4.36
CA ARG A 149 -7.93 4.28 -4.58
C ARG A 149 -7.30 3.91 -5.92
N ASP A 150 -6.89 2.65 -6.08
CA ASP A 150 -6.28 2.25 -7.35
C ASP A 150 -7.29 2.25 -8.48
N GLY A 151 -8.54 1.88 -8.21
CA GLY A 151 -9.54 1.82 -9.25
C GLY A 151 -10.27 3.11 -9.53
N PHE A 152 -10.04 4.17 -8.75
CA PHE A 152 -10.84 5.37 -8.94
C PHE A 152 -10.14 6.70 -8.67
N THR A 153 -9.56 6.92 -7.48
CA THR A 153 -9.12 8.28 -7.14
C THR A 153 -7.77 8.50 -7.81
N GLU A 154 -6.90 7.46 -7.82
CA GLU A 154 -5.60 7.58 -8.49
C GLU A 154 -5.74 7.79 -9.99
N PRO A 155 -6.34 6.88 -10.77
CA PRO A 155 -6.44 7.12 -12.22
C PRO A 155 -7.19 8.38 -12.59
N TYR A 156 -8.22 8.74 -11.82
CA TYR A 156 -8.99 9.96 -12.09
C TYR A 156 -8.15 11.21 -11.86
N SER A 157 -7.41 11.26 -10.75
CA SER A 157 -6.56 12.41 -10.47
C SER A 157 -5.40 12.51 -11.46
N ALA A 158 -4.82 11.37 -11.86
CA ALA A 158 -3.72 11.40 -12.82
C ALA A 158 -4.22 11.85 -14.19
N ALA A 159 -5.41 11.37 -14.60
CA ALA A 159 -6.01 11.81 -15.85
C ALA A 159 -6.14 13.33 -15.87
N LEU A 160 -6.70 13.91 -14.80
CA LEU A 160 -6.87 15.37 -14.75
C LEU A 160 -5.54 16.09 -14.91
N HIS A 161 -4.52 15.62 -14.20
CA HIS A 161 -3.26 16.36 -14.22
C HIS A 161 -2.46 16.09 -15.48
N CYS A 162 -2.66 14.94 -16.11
CA CYS A 162 -2.14 14.74 -17.46
C CYS A 162 -2.76 15.75 -18.42
N ARG A 163 -4.08 15.90 -18.36
CA ARG A 163 -4.77 16.88 -19.19
C ARG A 163 -4.31 18.30 -18.90
N LEU A 164 -4.13 18.64 -17.62
CA LEU A 164 -3.62 19.96 -17.25
C LEU A 164 -2.28 20.26 -17.93
N LEU A 165 -1.38 19.28 -17.95
CA LEU A 165 -0.05 19.50 -18.52
C LEU A 165 -0.04 19.39 -20.04
N GLY A 166 -0.97 18.65 -20.63
CA GLY A 166 -0.95 18.42 -22.06
C GLY A 166 -0.15 17.19 -22.45
N ILE A 167 -0.19 16.15 -21.63
CA ILE A 167 0.58 14.93 -21.89
C ILE A 167 -0.40 13.78 -21.92
N PRO A 168 -0.04 12.67 -22.58
CA PRO A 168 -0.94 11.52 -22.58
C PRO A 168 -1.02 10.94 -21.18
N THR A 169 -1.99 10.04 -20.98
CA THR A 169 -2.12 9.31 -19.73
C THR A 169 -1.44 7.96 -19.77
N ASP A 170 -0.67 7.66 -20.82
CA ASP A 170 -0.13 6.32 -21.00
C ASP A 170 0.67 5.85 -19.79
N ASP A 171 1.47 6.73 -19.20
CA ASP A 171 2.41 6.37 -18.14
C ASP A 171 1.93 6.81 -16.76
N TRP A 172 0.61 6.82 -16.52
CA TRP A 172 0.12 7.41 -15.28
C TRP A 172 0.54 6.61 -14.05
N ARG A 173 0.64 5.28 -14.16
CA ARG A 173 1.09 4.49 -13.02
C ARG A 173 2.52 4.85 -12.64
N ARG A 174 3.41 4.96 -13.63
CA ARG A 174 4.78 5.41 -13.39
C ARG A 174 4.79 6.78 -12.73
N LEU A 175 3.98 7.72 -13.24
CA LEU A 175 3.97 9.07 -12.68
C LEU A 175 3.42 9.09 -11.26
N MET A 176 2.32 8.38 -11.02
CA MET A 176 1.78 8.26 -9.67
C MET A 176 2.78 7.59 -8.73
N SER A 177 3.58 6.66 -9.27
CA SER A 177 4.58 6.00 -8.43
C SER A 177 5.73 6.95 -8.09
N GLY A 178 6.06 7.90 -8.99
CA GLY A 178 7.01 8.95 -8.61
C GLY A 178 6.51 9.76 -7.43
N ILE A 179 5.20 9.99 -7.36
CA ILE A 179 4.59 10.65 -6.21
C ILE A 179 4.81 9.84 -4.93
N ASP A 180 4.79 8.51 -5.04
CA ASP A 180 4.97 7.66 -3.86
C ASP A 180 6.34 7.85 -3.20
N VAL A 181 7.31 8.37 -3.94
CA VAL A 181 8.63 8.65 -3.40
C VAL A 181 8.80 10.14 -3.11
N ALA A 182 8.28 10.99 -4.00
CA ALA A 182 8.51 12.43 -3.87
C ALA A 182 7.97 12.99 -2.56
N PHE A 183 6.84 12.45 -2.07
CA PHE A 183 6.11 13.04 -0.95
C PHE A 183 6.33 12.28 0.35
N ILE A 184 7.39 11.45 0.41
CA ILE A 184 7.80 10.75 1.62
C ILE A 184 8.32 11.76 2.65
N THR A 185 7.96 11.55 3.91
CA THR A 185 8.52 12.32 5.02
C THR A 185 9.58 11.46 5.69
N SER A 186 10.84 11.91 5.65
CA SER A 186 11.97 11.18 6.20
C SER A 186 12.71 12.02 7.23
N PRO A 187 13.16 11.41 8.34
CA PRO A 187 14.01 12.14 9.30
C PRO A 187 15.24 12.78 8.68
N ARG A 188 15.86 12.10 7.71
CA ARG A 188 17.08 12.58 7.06
C ARG A 188 16.93 12.38 5.57
N THR A 189 17.77 13.09 4.81
CA THR A 189 17.73 12.93 3.36
C THR A 189 18.07 11.50 2.98
N PHE A 190 17.43 11.05 1.91
CA PHE A 190 17.61 9.68 1.38
C PHE A 190 17.97 9.77 -0.10
N GLU A 191 18.82 8.85 -0.57
CA GLU A 191 19.31 8.87 -1.97
C GLU A 191 18.18 8.89 -3.02
N GLY A 192 17.07 8.22 -2.75
CA GLY A 192 16.01 8.12 -3.76
C GLY A 192 15.40 9.44 -4.17
N SER A 193 15.38 10.43 -3.27
CA SER A 193 14.63 11.69 -3.52
C SER A 193 15.17 12.38 -4.78
N ALA A 194 16.47 12.60 -4.82
CA ALA A 194 17.04 13.32 -5.95
C ALA A 194 16.99 12.49 -7.24
N VAL A 195 17.31 11.19 -7.18
CA VAL A 195 17.15 10.33 -8.35
C VAL A 195 15.71 10.37 -8.85
N ASN A 196 14.77 10.24 -7.94
CA ASN A 196 13.35 10.28 -8.31
C ASN A 196 12.99 11.61 -8.97
N TRP A 197 13.47 12.72 -8.39
CA TRP A 197 13.11 14.03 -8.92
C TRP A 197 13.61 14.20 -10.35
N TYR A 198 14.91 13.97 -10.58
CA TYR A 198 15.46 14.15 -11.91
C TYR A 198 14.91 13.14 -12.91
N LYS A 199 14.49 11.97 -12.44
CA LYS A 199 13.84 11.01 -13.33
C LYS A 199 12.61 11.64 -13.99
N ASP A 200 11.69 12.17 -13.19
CA ASP A 200 10.48 12.71 -13.79
C ASP A 200 10.64 14.13 -14.30
N LEU A 201 11.63 14.89 -13.80
CA LEU A 201 12.01 16.11 -14.49
C LEU A 201 12.36 15.83 -15.95
N GLY A 202 13.14 14.76 -16.17
CA GLY A 202 13.52 14.42 -17.53
C GLY A 202 12.33 13.97 -18.37
N TYR A 203 11.40 13.24 -17.75
CA TYR A 203 10.16 12.90 -18.43
C TYR A 203 9.44 14.15 -18.92
N MET A 204 9.35 15.17 -18.07
CA MET A 204 8.64 16.38 -18.44
C MET A 204 9.41 17.15 -19.52
N VAL A 205 10.74 17.21 -19.39
CA VAL A 205 11.59 17.80 -20.42
C VAL A 205 11.36 17.08 -21.75
N ASP A 206 11.29 15.75 -21.72
CA ASP A 206 11.08 14.99 -22.95
C ASP A 206 9.76 15.38 -23.61
N ARG A 207 8.69 15.52 -22.82
CA ARG A 207 7.41 15.91 -23.40
C ARG A 207 7.47 17.32 -23.94
N LEU A 208 8.11 18.24 -23.21
CA LEU A 208 8.16 19.63 -23.65
C LEU A 208 8.92 19.79 -24.95
N ASN A 209 9.95 18.97 -25.17
CA ASN A 209 10.81 19.08 -26.34
C ASN A 209 10.52 18.03 -27.40
N ALA A 210 9.31 17.47 -27.41
CA ALA A 210 8.97 16.49 -28.43
C ALA A 210 9.00 17.14 -29.82
N ASP A 211 9.29 16.32 -30.83
CA ASP A 211 9.41 16.85 -32.20
C ASP A 211 8.08 17.40 -32.70
N PRO A 212 6.98 16.66 -32.71
CA PRO A 212 5.69 17.36 -32.76
C PRO A 212 5.47 18.18 -31.50
N GLU A 213 6.06 19.36 -31.45
CA GLU A 213 6.04 20.18 -30.25
C GLU A 213 4.67 20.21 -29.58
N PRO A 214 4.61 20.16 -28.24
CA PRO A 214 3.30 20.10 -27.58
C PRO A 214 2.45 21.31 -27.87
N THR A 215 1.16 21.07 -28.11
CA THR A 215 0.23 22.17 -28.47
C THR A 215 -0.82 22.36 -27.41
N GLU A 216 -1.02 21.40 -26.54
CA GLU A 216 -2.15 21.52 -25.60
C GLU A 216 -1.67 21.68 -24.16
N GLY A 217 -2.49 22.31 -23.34
CA GLY A 217 -2.14 22.36 -21.92
C GLY A 217 -1.03 23.29 -21.50
N LEU A 218 -0.33 22.92 -20.45
CA LEU A 218 0.59 23.81 -19.75
C LEU A 218 1.83 23.74 -20.62
N LEU A 219 2.19 22.55 -21.10
CA LEU A 219 3.37 22.42 -21.94
C LEU A 219 3.18 23.06 -23.31
N GLY A 220 1.93 23.07 -23.81
CA GLY A 220 1.64 23.85 -25.00
C GLY A 220 1.81 25.34 -24.77
N ARG A 221 1.27 25.85 -23.66
CA ARG A 221 1.48 27.25 -23.31
C ARG A 221 2.96 27.55 -23.08
N PHE A 222 3.71 26.58 -22.53
CA PHE A 222 5.15 26.80 -22.32
C PHE A 222 5.90 26.82 -23.66
N ALA A 223 5.58 25.88 -24.55
CA ALA A 223 6.29 25.83 -25.84
C ALA A 223 6.10 27.13 -26.61
N GLU A 224 4.92 27.75 -26.50
CA GLU A 224 4.70 29.05 -27.11
C GLU A 224 5.50 30.13 -26.39
N LEU A 225 5.53 30.08 -25.06
CA LEU A 225 6.17 31.13 -24.28
C LEU A 225 7.63 31.33 -24.69
N ARG A 226 8.38 30.24 -24.86
CA ARG A 226 9.79 30.38 -25.17
C ARG A 226 10.07 30.69 -26.64
N ARG A 227 9.03 30.85 -27.47
CA ARG A 227 9.19 31.40 -28.81
C ARG A 227 9.11 32.92 -28.83
N SER A 228 8.53 33.53 -27.78
CA SER A 228 8.42 34.97 -27.67
C SER A 228 9.82 35.61 -27.62
N VAL A 235 14.02 32.16 -19.05
CA VAL A 235 13.29 30.96 -18.55
C VAL A 235 13.91 29.75 -19.28
N SER A 236 14.38 28.73 -18.56
CA SER A 236 15.04 27.59 -19.17
C SER A 236 14.11 26.40 -19.26
N ASP A 237 14.57 25.39 -19.99
CA ASP A 237 13.85 24.12 -20.04
C ASP A 237 13.67 23.52 -18.66
N GLU A 238 14.69 23.68 -17.80
CA GLU A 238 14.65 23.08 -16.48
C GLU A 238 13.55 23.69 -15.62
N LEU A 239 13.49 25.03 -15.60
CA LEU A 239 12.44 25.69 -14.82
C LEU A 239 11.06 25.33 -15.35
N LEU A 240 10.91 25.28 -16.67
CA LEU A 240 9.63 24.95 -17.27
C LEU A 240 9.19 23.55 -16.86
N ALA A 241 10.10 22.58 -16.99
CA ALA A 241 9.79 21.22 -16.59
C ALA A 241 9.56 21.11 -15.09
N THR A 242 10.25 21.95 -14.30
CA THR A 242 10.10 21.91 -12.84
C THR A 242 8.69 22.33 -12.43
N VAL A 243 8.18 23.40 -13.04
CA VAL A 243 6.82 23.84 -12.78
C VAL A 243 5.83 22.75 -13.15
N ALA A 244 6.01 22.14 -14.33
CA ALA A 244 5.12 21.06 -14.75
C ALA A 244 5.14 19.92 -13.76
N LEU A 245 6.32 19.45 -13.39
CA LEU A 245 6.41 18.30 -12.48
C LEU A 245 5.87 18.64 -11.11
N SER A 246 6.16 19.84 -10.58
CA SER A 246 5.70 20.16 -9.24
C SER A 246 4.18 20.30 -9.21
N LEU A 247 3.58 20.83 -10.28
CA LEU A 247 2.14 21.01 -10.34
C LEU A 247 1.43 19.67 -10.52
N PHE A 248 1.97 18.81 -11.39
CA PHE A 248 1.43 17.45 -11.50
C PHE A 248 1.47 16.77 -10.15
N GLY A 249 2.65 16.74 -9.52
CA GLY A 249 2.83 15.95 -8.32
C GLY A 249 1.97 16.48 -7.19
N ALA A 250 2.09 17.77 -6.89
CA ALA A 250 1.30 18.37 -5.81
C ALA A 250 -0.21 18.22 -6.08
N GLY A 251 -0.65 18.52 -7.29
CA GLY A 251 -2.07 18.46 -7.59
C GLY A 251 -2.64 17.04 -7.56
N ALA A 252 -1.97 16.11 -8.24
CA ALA A 252 -2.45 14.72 -8.23
C ALA A 252 -2.50 14.16 -6.82
N VAL A 253 -1.41 14.29 -6.06
CA VAL A 253 -1.40 13.68 -4.73
C VAL A 253 -2.46 14.31 -3.83
N SER A 254 -2.69 15.63 -3.96
CA SER A 254 -3.60 16.32 -3.04
C SER A 254 -5.06 16.04 -3.38
N THR A 255 -5.42 16.06 -4.67
CA THR A 255 -6.80 15.74 -5.04
C THR A 255 -7.11 14.25 -4.81
N SER A 256 -6.18 13.36 -5.16
CA SER A 256 -6.39 11.93 -4.88
C SER A 256 -6.58 11.66 -3.39
N ALA A 257 -5.76 12.28 -2.53
CA ALA A 257 -5.87 11.99 -1.10
C ALA A 257 -7.14 12.59 -0.50
N PHE A 258 -7.45 13.85 -0.85
CA PHE A 258 -8.71 14.41 -0.36
C PHE A 258 -9.90 13.56 -0.81
N LEU A 259 -9.96 13.19 -2.08
CA LEU A 259 -11.12 12.45 -2.57
C LEU A 259 -11.28 11.13 -1.82
N GLN A 260 -10.16 10.49 -1.45
CA GLN A 260 -10.25 9.24 -0.69
C GLN A 260 -10.89 9.50 0.67
N HIS A 261 -10.57 10.64 1.29
CA HIS A 261 -11.16 10.98 2.58
C HIS A 261 -12.65 11.26 2.45
N ALA A 262 -13.03 12.02 1.42
CA ALA A 262 -14.45 12.27 1.17
C ALA A 262 -15.23 10.98 0.91
N ILE A 263 -14.62 10.02 0.22
CA ILE A 263 -15.30 8.75 -0.05
C ILE A 263 -15.58 8.00 1.26
N ILE A 264 -14.54 7.87 2.10
CA ILE A 264 -14.71 7.28 3.42
C ILE A 264 -15.90 7.93 4.13
N ALA A 265 -15.97 9.26 4.11
CA ALA A 265 -17.07 9.95 4.79
C ALA A 265 -18.43 9.56 4.21
N LEU A 266 -18.55 9.49 2.88
CA LEU A 266 -19.81 9.08 2.26
C LEU A 266 -20.11 7.60 2.50
N ALA A 267 -19.08 6.76 2.58
CA ALA A 267 -19.32 5.34 2.85
C ALA A 267 -19.71 5.13 4.29
N GLN A 268 -19.09 5.86 5.21
CA GLN A 268 -19.37 5.71 6.63
C GLN A 268 -20.69 6.36 7.02
N GLN A 269 -21.13 7.36 6.28
CA GLN A 269 -22.31 8.15 6.63
C GLN A 269 -23.21 8.21 5.40
N PRO A 270 -23.90 7.11 5.09
CA PRO A 270 -24.69 7.06 3.86
C PRO A 270 -25.83 8.07 3.81
N GLU A 271 -26.26 8.61 4.95
CA GLU A 271 -27.24 9.70 4.89
C GLU A 271 -26.73 10.85 4.01
N LEU A 272 -25.41 11.09 4.01
CA LEU A 272 -24.81 12.14 3.19
C LEU A 272 -24.97 11.85 1.70
N ALA A 273 -24.76 10.60 1.31
CA ALA A 273 -24.94 10.19 -0.08
C ALA A 273 -26.41 10.29 -0.48
N ASP A 274 -27.32 9.93 0.43
CA ASP A 274 -28.75 10.15 0.18
C ASP A 274 -29.05 11.64 -0.03
N ARG A 275 -28.39 12.52 0.72
CA ARG A 275 -28.61 13.95 0.53
C ARG A 275 -28.14 14.40 -0.86
N LEU A 276 -26.99 13.90 -1.30
CA LEU A 276 -26.46 14.30 -2.60
C LEU A 276 -27.31 13.77 -3.73
N ARG A 277 -27.85 12.55 -3.59
CA ARG A 277 -28.79 12.05 -4.57
C ARG A 277 -30.06 12.89 -4.61
N ALA A 278 -30.64 13.18 -3.44
CA ALA A 278 -31.92 13.89 -3.40
C ALA A 278 -31.77 15.35 -3.85
N GLU A 279 -30.59 15.96 -3.67
CA GLU A 279 -30.40 17.38 -3.92
C GLU A 279 -29.02 17.61 -4.51
N PRO A 280 -28.82 17.26 -5.79
CA PRO A 280 -27.47 17.33 -6.37
C PRO A 280 -26.86 18.72 -6.37
N ALA A 281 -27.65 19.79 -6.35
CA ALA A 281 -27.10 21.14 -6.33
C ALA A 281 -26.38 21.47 -5.04
N VAL A 282 -26.53 20.65 -3.99
CA VAL A 282 -25.77 20.90 -2.75
C VAL A 282 -24.35 20.36 -2.84
N ILE A 283 -23.93 19.84 -4.00
CA ILE A 283 -22.61 19.22 -4.08
C ILE A 283 -21.50 20.22 -3.72
N GLY A 284 -21.68 21.49 -4.07
CA GLY A 284 -20.65 22.48 -3.78
C GLY A 284 -20.48 22.73 -2.29
N ARG A 285 -21.58 22.97 -1.59
CA ARG A 285 -21.52 23.12 -0.14
C ARG A 285 -21.01 21.86 0.52
N ALA A 286 -21.49 20.70 0.06
CA ALA A 286 -21.08 19.42 0.63
C ALA A 286 -19.56 19.27 0.57
N VAL A 287 -18.97 19.50 -0.60
CA VAL A 287 -17.52 19.40 -0.77
C VAL A 287 -16.80 20.44 0.09
N ASP A 288 -17.36 21.65 0.21
CA ASP A 288 -16.78 22.63 1.11
C ASP A 288 -16.70 22.08 2.53
N GLU A 289 -17.73 21.38 2.97
CA GLU A 289 -17.72 20.84 4.33
C GLU A 289 -16.80 19.63 4.44
N LEU A 290 -16.81 18.75 3.42
CA LEU A 290 -15.87 17.64 3.41
C LEU A 290 -14.42 18.15 3.43
N LEU A 291 -14.17 19.31 2.81
CA LEU A 291 -12.83 19.89 2.83
C LEU A 291 -12.45 20.31 4.24
N ARG A 292 -13.36 20.98 4.95
CA ARG A 292 -13.08 21.32 6.33
C ARG A 292 -12.77 20.07 7.15
N TYR A 293 -13.58 19.04 6.95
CA TYR A 293 -13.49 17.82 7.75
C TYR A 293 -12.23 17.02 7.46
N ASN A 294 -11.73 17.09 6.22
CA ASN A 294 -10.83 16.07 5.72
C ASN A 294 -9.47 16.16 6.39
N LEU A 295 -8.86 14.99 6.63
CA LEU A 295 -7.60 14.86 7.34
C LEU A 295 -6.45 14.48 6.41
N SER A 296 -6.56 14.81 5.12
CA SER A 296 -5.58 14.34 4.15
C SER A 296 -4.22 15.02 4.35
N ILE A 297 -4.19 16.26 4.84
CA ILE A 297 -2.92 16.91 5.17
C ILE A 297 -2.35 16.20 6.39
N GLY A 298 -1.28 15.44 6.19
CA GLY A 298 -0.70 14.61 7.23
C GLY A 298 0.50 15.20 7.95
N ASP A 299 0.96 16.38 7.52
CA ASP A 299 1.99 17.15 8.20
C ASP A 299 1.32 18.49 8.49
N ALA A 300 2.09 19.50 8.84
CA ALA A 300 1.57 20.85 8.99
C ALA A 300 2.19 21.81 7.98
N LEU A 301 1.59 22.98 7.84
CA LEU A 301 2.12 23.97 6.91
C LEU A 301 3.33 24.67 7.54
N PRO A 302 4.52 24.58 6.96
CA PRO A 302 5.72 25.07 7.63
C PRO A 302 6.02 26.53 7.30
N ARG A 303 6.53 27.25 8.29
CA ARG A 303 7.06 28.59 8.11
C ARG A 303 8.28 28.76 9.00
N ILE A 304 9.24 29.55 8.52
CA ILE A 304 10.35 30.04 9.34
C ILE A 304 10.06 31.50 9.73
N ALA A 305 10.15 31.79 11.02
CA ALA A 305 9.97 33.16 11.49
C ALA A 305 11.13 34.04 11.04
N LEU A 306 10.80 35.15 10.35
CA LEU A 306 11.83 36.08 9.91
C LEU A 306 12.16 37.13 10.96
N ALA A 307 11.29 37.30 11.93
CA ALA A 307 11.52 38.21 13.03
C ALA A 307 10.86 37.59 14.25
N ASP A 308 11.17 38.13 15.43
CA ASP A 308 10.50 37.68 16.64
C ASP A 308 9.04 38.12 16.57
N VAL A 309 8.13 37.24 16.95
CA VAL A 309 6.69 37.50 16.84
C VAL A 309 5.99 36.91 18.05
N ARG A 310 5.16 37.72 18.69
CA ARG A 310 4.32 37.24 19.79
C ARG A 310 3.06 36.63 19.19
N LEU A 311 2.93 35.31 19.29
CA LEU A 311 1.79 34.58 18.76
C LEU A 311 1.09 33.91 19.92
N GLY A 312 -0.17 34.31 20.16
CA GLY A 312 -0.83 33.86 21.37
C GLY A 312 0.08 34.27 22.50
N GLU A 313 0.22 33.40 23.49
CA GLU A 313 1.09 33.66 24.62
C GLU A 313 2.58 33.42 24.38
N VAL A 314 2.96 32.96 23.18
CA VAL A 314 4.32 32.49 22.93
C VAL A 314 5.08 33.54 22.13
N GLU A 315 6.27 33.88 22.61
CA GLU A 315 7.21 34.69 21.84
C GLU A 315 8.00 33.76 20.93
N ILE A 316 7.74 33.84 19.64
CA ILE A 316 8.48 33.04 18.66
C ILE A 316 9.70 33.81 18.20
N ARG A 317 10.84 33.14 18.13
CA ARG A 317 12.09 33.80 17.80
C ARG A 317 12.43 33.65 16.33
N ALA A 318 13.05 34.71 15.80
CA ALA A 318 13.58 34.67 14.44
C ALA A 318 14.36 33.39 14.22
N GLY A 319 14.13 32.75 13.06
CA GLY A 319 14.82 31.53 12.69
C GLY A 319 14.15 30.23 13.11
N GLU A 320 13.12 30.30 13.95
CA GLU A 320 12.48 29.10 14.46
C GLU A 320 11.41 28.60 13.50
N LEU A 321 11.14 27.30 13.57
CA LEU A 321 10.15 26.68 12.72
C LEU A 321 8.75 26.75 13.34
N VAL A 322 7.77 27.08 12.52
CA VAL A 322 6.38 27.21 12.90
C VAL A 322 5.58 26.25 12.04
N LEU A 323 4.68 25.49 12.67
CA LEU A 323 3.91 24.47 11.97
C LEU A 323 2.42 24.73 12.21
N VAL A 324 1.69 24.98 11.13
CA VAL A 324 0.27 25.27 11.21
C VAL A 324 -0.52 23.97 11.04
N LEU A 325 -1.22 23.56 12.10
CA LEU A 325 -1.97 22.30 12.11
C LEU A 325 -3.37 22.58 11.59
N ILE A 326 -3.58 22.31 10.31
CA ILE A 326 -4.83 22.68 9.66
C ILE A 326 -6.03 22.02 10.33
N GLU A 327 -5.93 20.73 10.66
CA GLU A 327 -7.07 20.06 11.27
C GLU A 327 -7.37 20.58 12.66
N GLY A 328 -6.35 21.05 13.39
CA GLY A 328 -6.64 21.74 14.63
C GLY A 328 -7.53 22.95 14.40
N ALA A 329 -7.19 23.76 13.40
CA ALA A 329 -7.97 24.96 13.10
C ALA A 329 -9.36 24.60 12.55
N ASN A 330 -9.44 23.60 11.69
CA ASN A 330 -10.70 23.29 11.03
C ASN A 330 -11.69 22.58 11.93
N TYR A 331 -11.23 22.07 13.08
CA TYR A 331 -12.10 21.44 14.06
C TYR A 331 -12.24 22.30 15.32
N ASP A 332 -11.89 23.59 15.22
CA ASP A 332 -11.93 24.48 16.37
C ASP A 332 -13.38 24.85 16.69
N PRO A 333 -13.92 24.46 17.85
CA PRO A 333 -15.32 24.80 18.17
C PRO A 333 -15.55 26.29 18.41
N ALA A 334 -14.50 27.07 18.64
CA ALA A 334 -14.68 28.52 18.70
C ALA A 334 -15.19 29.06 17.37
N VAL A 335 -14.90 28.35 16.28
CA VAL A 335 -15.29 28.79 14.95
C VAL A 335 -16.37 27.89 14.35
N PHE A 336 -16.24 26.59 14.55
CA PHE A 336 -17.12 25.61 13.90
C PHE A 336 -17.90 24.86 14.97
N PRO A 337 -19.18 25.19 15.20
CA PRO A 337 -19.97 24.39 16.13
C PRO A 337 -20.03 22.94 15.68
N HIS A 338 -20.17 22.05 16.67
CA HIS A 338 -20.10 20.61 16.52
C HIS A 338 -19.07 20.23 15.45
N PRO A 339 -17.80 20.58 15.64
CA PRO A 339 -16.82 20.39 14.55
C PRO A 339 -16.63 18.94 14.18
N GLU A 340 -16.89 18.02 15.11
CA GLU A 340 -16.72 16.58 14.89
C GLU A 340 -17.84 15.97 14.05
N ARG A 341 -18.88 16.74 13.71
CA ARG A 341 -20.03 16.22 12.97
C ARG A 341 -20.09 16.89 11.61
N ILE A 342 -20.00 16.10 10.55
CA ILE A 342 -20.19 16.61 9.20
C ILE A 342 -21.57 17.25 9.06
N ASP A 343 -21.61 18.40 8.41
CA ASP A 343 -22.84 19.20 8.37
C ASP A 343 -22.81 20.02 7.08
N PHE A 344 -23.67 19.65 6.12
CA PHE A 344 -23.75 20.31 4.84
C PHE A 344 -24.52 21.64 4.91
N ASP A 345 -25.04 22.03 6.06
CA ASP A 345 -25.91 23.18 6.13
C ASP A 345 -25.41 24.24 7.12
N ARG A 346 -24.09 24.39 7.23
CA ARG A 346 -23.53 25.39 8.12
C ARG A 346 -23.78 26.79 7.58
N GLU A 347 -24.16 27.71 8.48
CA GLU A 347 -24.35 29.12 8.09
C GLU A 347 -23.09 29.68 7.46
N SER A 348 -21.94 29.35 8.01
CA SER A 348 -20.65 29.86 7.63
C SER A 348 -19.68 28.70 7.59
N ASN A 349 -18.63 28.79 6.77
CA ASN A 349 -17.61 27.74 6.73
C ASN A 349 -16.28 28.29 6.24
N PRO A 350 -15.64 29.19 7.04
CA PRO A 350 -14.36 29.80 6.66
C PRO A 350 -13.21 28.89 7.10
N HIS A 351 -13.10 27.73 6.46
CA HIS A 351 -12.14 26.70 6.83
C HIS A 351 -10.83 26.99 6.12
N LEU A 352 -9.75 26.39 6.62
CA LEU A 352 -8.38 26.60 6.14
C LEU A 352 -7.85 25.41 5.32
N ALA A 353 -8.72 24.63 4.68
CA ALA A 353 -8.29 23.41 3.98
C ALA A 353 -7.36 23.72 2.80
N PHE A 354 -7.49 24.91 2.23
CA PHE A 354 -6.61 25.42 1.20
C PHE A 354 -5.57 26.39 1.75
N GLY A 355 -5.46 26.51 3.06
CA GLY A 355 -4.53 27.44 3.65
C GLY A 355 -5.13 28.82 3.79
N GLY A 356 -4.26 29.83 3.75
CA GLY A 356 -4.75 31.20 3.85
C GLY A 356 -3.62 32.17 3.56
N GLY A 357 -4.01 33.44 3.39
CA GLY A 357 -2.96 34.44 3.14
C GLY A 357 -2.29 34.26 1.79
N GLN A 358 -1.00 34.62 1.74
CA GLN A 358 -0.35 34.75 0.44
C GLN A 358 -0.17 33.41 -0.28
N HIS A 359 -0.10 32.30 0.44
CA HIS A 359 0.12 31.01 -0.19
C HIS A 359 -1.15 30.17 -0.31
N PHE A 360 -2.32 30.80 -0.13
CA PHE A 360 -3.59 30.13 -0.37
C PHE A 360 -3.54 29.38 -1.69
N CYS A 361 -4.07 28.16 -1.70
CA CYS A 361 -3.89 27.28 -2.84
C CYS A 361 -4.35 27.96 -4.12
N PRO A 362 -3.49 28.11 -5.13
CA PRO A 362 -3.91 28.73 -6.40
C PRO A 362 -4.83 27.87 -7.23
N ALA A 363 -5.12 26.65 -6.80
CA ALA A 363 -5.94 25.74 -7.57
C ALA A 363 -7.19 25.31 -6.83
N SER A 364 -7.65 26.13 -5.87
CA SER A 364 -8.79 25.72 -5.04
C SER A 364 -10.01 25.38 -5.89
N ALA A 365 -10.29 26.19 -6.90
CA ALA A 365 -11.49 25.94 -7.72
C ALA A 365 -11.36 24.61 -8.47
N LEU A 366 -10.17 24.29 -8.96
CA LEU A 366 -9.94 23.02 -9.64
C LEU A 366 -10.07 21.85 -8.67
N GLY A 367 -9.50 21.99 -7.48
CA GLY A 367 -9.66 20.95 -6.48
C GLY A 367 -11.13 20.68 -6.15
N ARG A 368 -11.92 21.75 -6.00
CA ARG A 368 -13.35 21.59 -5.73
C ARG A 368 -14.05 20.88 -6.89
N THR A 369 -13.80 21.35 -8.11
CA THR A 369 -14.44 20.74 -9.29
C THR A 369 -14.09 19.27 -9.40
N HIS A 370 -12.80 18.96 -9.24
CA HIS A 370 -12.32 17.59 -9.27
C HIS A 370 -13.15 16.72 -8.34
N ALA A 371 -13.30 17.15 -7.07
CA ALA A 371 -13.96 16.32 -6.08
C ALA A 371 -15.48 16.31 -6.29
N GLU A 372 -16.05 17.47 -6.60
CA GLU A 372 -17.49 17.54 -6.83
C GLU A 372 -17.93 16.58 -7.91
N ILE A 373 -17.25 16.59 -9.05
CA ILE A 373 -17.70 15.78 -10.15
C ILE A 373 -17.53 14.29 -9.84
N ALA A 374 -16.39 13.92 -9.24
CA ALA A 374 -16.17 12.52 -8.85
C ALA A 374 -17.23 12.03 -7.87
N LEU A 375 -17.54 12.83 -6.85
CA LEU A 375 -18.48 12.39 -5.82
C LEU A 375 -19.93 12.36 -6.33
N THR A 376 -20.29 13.28 -7.23
CA THR A 376 -21.59 13.21 -7.88
C THR A 376 -21.73 11.91 -8.67
N ALA A 377 -20.73 11.59 -9.49
CA ALA A 377 -20.75 10.32 -10.22
C ALA A 377 -20.80 9.14 -9.25
N LEU A 378 -20.07 9.23 -8.13
CA LEU A 378 -19.97 8.09 -7.22
C LEU A 378 -21.32 7.77 -6.59
N VAL A 379 -22.03 8.78 -6.06
CA VAL A 379 -23.27 8.47 -5.36
C VAL A 379 -24.36 8.06 -6.36
N GLU A 380 -24.26 8.51 -7.61
CA GLU A 380 -25.20 8.04 -8.63
C GLU A 380 -24.91 6.58 -8.98
N LYS A 381 -23.66 6.24 -9.23
CA LYS A 381 -23.32 4.93 -9.79
C LYS A 381 -23.23 3.84 -8.74
N LEU A 382 -22.91 4.19 -7.50
CA LEU A 382 -22.72 3.21 -6.43
C LEU A 382 -23.63 3.56 -5.26
N PRO A 383 -24.96 3.54 -5.46
CA PRO A 383 -25.86 4.05 -4.42
C PRO A 383 -25.75 3.33 -3.09
N ALA A 384 -25.31 2.07 -3.06
CA ALA A 384 -25.18 1.34 -1.81
C ALA A 384 -23.74 1.30 -1.27
N LEU A 385 -22.87 2.19 -1.76
CA LEU A 385 -21.48 2.29 -1.33
C LEU A 385 -21.34 2.17 0.19
N ARG A 386 -20.41 1.31 0.61
CA ARG A 386 -20.04 1.11 2.02
C ARG A 386 -18.66 0.48 2.02
N LEU A 387 -17.98 0.58 3.16
CA LEU A 387 -16.67 -0.05 3.31
C LEU A 387 -16.84 -1.55 3.40
N ALA A 388 -15.82 -2.28 2.88
CA ALA A 388 -15.85 -3.73 2.81
C ALA A 388 -15.50 -4.39 4.14
N LEU A 389 -14.92 -3.64 5.07
CA LEU A 389 -14.53 -4.14 6.39
C LEU A 389 -14.62 -2.94 7.33
N PRO A 390 -14.49 -3.16 8.65
CA PRO A 390 -14.64 -2.01 9.56
C PRO A 390 -13.58 -0.94 9.30
N VAL A 391 -13.98 0.33 9.47
CA VAL A 391 -13.09 1.45 9.15
C VAL A 391 -11.77 1.35 9.91
N GLU A 392 -11.80 0.86 11.16
CA GLU A 392 -10.58 0.76 11.97
C GLU A 392 -9.55 -0.17 11.38
N GLN A 393 -9.91 -1.01 10.41
CA GLN A 393 -8.96 -1.95 9.85
C GLN A 393 -8.41 -1.50 8.52
N LEU A 394 -8.75 -0.27 8.09
CA LEU A 394 -8.05 0.33 6.96
C LEU A 394 -6.57 0.48 7.31
N ALA A 395 -5.72 0.27 6.32
CA ALA A 395 -4.28 0.48 6.47
C ALA A 395 -3.97 1.91 6.10
N TRP A 396 -3.53 2.70 7.07
CA TRP A 396 -3.16 4.09 6.79
C TRP A 396 -1.67 4.15 6.46
N ARG A 397 -1.34 4.82 5.37
CA ARG A 397 0.05 4.89 4.90
C ARG A 397 0.92 5.64 5.91
N PRO A 398 2.09 5.09 6.28
CA PRO A 398 3.03 5.80 7.15
C PRO A 398 4.04 6.61 6.35
N GLY A 399 4.66 7.57 7.03
CA GLY A 399 5.83 8.27 6.49
C GLY A 399 5.56 8.97 5.17
N PHE A 400 4.41 9.62 5.05
CA PHE A 400 3.99 10.29 3.83
C PHE A 400 3.43 11.66 4.20
N ILE A 401 3.56 12.63 3.29
CA ILE A 401 3.04 13.96 3.55
C ILE A 401 1.52 13.93 3.72
N LYS A 402 0.83 13.11 2.93
CA LYS A 402 -0.61 12.93 3.07
C LYS A 402 -0.93 11.74 3.97
N ARG A 403 -2.03 11.88 4.72
CA ARG A 403 -2.73 10.71 5.25
C ARG A 403 -3.60 10.12 4.16
N LEU A 404 -3.53 8.80 3.97
CA LEU A 404 -4.34 8.14 2.96
C LEU A 404 -4.42 6.66 3.29
N PRO A 405 -5.53 6.00 2.96
CA PRO A 405 -5.58 4.54 3.06
C PRO A 405 -4.82 3.92 1.90
N GLU A 406 -4.00 2.91 2.21
CA GLU A 406 -3.22 2.23 1.17
C GLU A 406 -4.15 1.59 0.14
N ARG A 407 -5.22 0.96 0.63
CA ARG A 407 -6.32 0.43 -0.16
C ARG A 407 -7.61 0.99 0.41
N LEU A 408 -8.62 1.15 -0.45
CA LEU A 408 -9.92 1.69 -0.03
C LEU A 408 -10.96 0.68 -0.48
N PRO A 409 -11.07 -0.46 0.22
CA PRO A 409 -11.96 -1.53 -0.25
C PRO A 409 -13.41 -1.25 0.13
N VAL A 410 -14.29 -1.26 -0.87
CA VAL A 410 -15.68 -0.93 -0.69
C VAL A 410 -16.55 -2.00 -1.34
N LEU A 411 -17.80 -2.03 -0.90
CA LEU A 411 -18.87 -2.83 -1.49
C LEU A 411 -19.96 -1.89 -1.98
N TRP A 412 -20.81 -2.41 -2.87
CA TRP A 412 -22.00 -1.69 -3.31
C TRP A 412 -23.06 -2.67 -3.84
N PRO B 19 -0.34 -11.24 32.64
CA PRO B 19 -0.61 -10.67 31.31
C PRO B 19 -0.20 -11.60 30.17
N LEU B 20 -1.14 -11.91 29.27
CA LEU B 20 -0.84 -12.85 28.18
C LEU B 20 -0.19 -12.10 27.01
N PRO B 21 0.92 -12.61 26.47
CA PRO B 21 1.52 -11.96 25.30
C PRO B 21 0.59 -11.95 24.10
N ASP B 22 0.68 -10.89 23.31
CA ASP B 22 -0.19 -10.75 22.16
C ASP B 22 0.38 -11.47 20.94
N PHE B 23 -0.51 -11.99 20.11
CA PHE B 23 -0.18 -12.52 18.80
C PHE B 23 -1.16 -11.91 17.80
N PRO B 24 -0.77 -11.51 16.56
CA PRO B 24 0.58 -11.70 16.02
C PRO B 24 1.73 -10.86 16.56
N LEU B 25 2.95 -11.12 16.09
CA LEU B 25 4.18 -10.52 16.66
C LEU B 25 4.55 -9.10 16.18
N SER B 26 4.69 -8.85 14.89
CA SER B 26 5.16 -7.53 14.40
C SER B 26 5.16 -7.57 12.88
N ARG B 27 4.55 -6.58 12.23
CA ARG B 27 4.45 -6.58 10.75
C ARG B 27 5.84 -6.25 10.14
N ARG B 28 6.77 -5.76 10.98
CA ARG B 28 8.14 -5.47 10.47
C ARG B 28 8.75 -6.81 10.02
N GLY B 29 9.12 -6.88 8.76
CA GLY B 29 9.58 -8.12 8.21
C GLY B 29 11.05 -8.19 7.83
N ASP B 30 11.84 -7.18 8.14
CA ASP B 30 13.24 -7.18 7.72
C ASP B 30 14.21 -7.63 8.80
N ILE B 31 13.74 -7.81 10.05
CA ILE B 31 14.52 -8.47 11.10
C ILE B 31 13.58 -9.36 11.90
N LEU B 32 14.16 -10.36 12.56
CA LEU B 32 13.36 -11.23 13.41
C LEU B 32 12.77 -10.40 14.55
N PRO B 33 11.47 -10.51 14.84
CA PRO B 33 10.94 -9.82 16.00
C PRO B 33 11.66 -10.30 17.26
N ALA B 34 12.17 -9.34 18.04
CA ALA B 34 12.78 -9.67 19.33
C ALA B 34 11.92 -10.61 20.14
N GLU B 35 10.60 -10.39 20.11
CA GLU B 35 9.68 -11.21 20.90
C GLU B 35 9.73 -12.68 20.47
N ALA B 36 9.99 -12.96 19.20
CA ALA B 36 10.12 -14.35 18.77
C ALA B 36 11.31 -15.01 19.46
N GLU B 37 12.44 -14.31 19.54
CA GLU B 37 13.60 -14.87 20.23
C GLU B 37 13.31 -15.05 21.71
N ARG B 38 12.68 -14.07 22.35
CA ARG B 38 12.39 -14.20 23.78
C ARG B 38 11.40 -15.34 24.03
N LEU B 39 10.41 -15.50 23.15
CA LEU B 39 9.45 -16.59 23.31
C LEU B 39 10.13 -17.95 23.24
N ARG B 40 11.01 -18.13 22.25
CA ARG B 40 11.63 -19.44 22.06
C ARG B 40 12.57 -19.78 23.21
N ALA B 41 13.25 -18.77 23.75
CA ALA B 41 14.25 -19.02 24.79
C ALA B 41 13.63 -19.23 26.15
N GLU B 42 12.51 -18.55 26.44
CA GLU B 42 11.88 -18.56 27.76
C GLU B 42 10.67 -19.48 27.86
N GLN B 43 9.79 -19.49 26.86
CA GLN B 43 8.57 -20.30 26.91
C GLN B 43 8.25 -20.78 25.50
N PRO B 44 9.00 -21.76 24.99
CA PRO B 44 8.79 -22.24 23.61
C PRO B 44 7.43 -22.84 23.36
N VAL B 45 6.61 -23.06 24.38
CA VAL B 45 5.18 -23.34 24.24
C VAL B 45 4.48 -22.35 25.15
N ALA B 46 3.92 -21.29 24.56
CA ALA B 46 3.47 -20.14 25.33
C ALA B 46 1.98 -19.89 25.08
N ARG B 47 1.24 -19.66 26.15
CA ARG B 47 -0.14 -19.22 26.01
C ARG B 47 -0.15 -17.76 25.58
N VAL B 48 -0.83 -17.48 24.46
CA VAL B 48 -0.89 -16.14 23.89
C VAL B 48 -2.34 -15.79 23.61
N ARG B 49 -2.62 -14.48 23.55
CA ARG B 49 -3.91 -13.96 23.14
C ARG B 49 -3.84 -13.55 21.67
N THR B 50 -4.67 -14.19 20.84
CA THR B 50 -4.77 -13.85 19.43
C THR B 50 -5.60 -12.57 19.26
N MET B 51 -5.59 -12.04 18.04
CA MET B 51 -6.33 -10.82 17.73
C MET B 51 -7.85 -11.00 17.84
N THR B 52 -8.34 -12.24 17.84
CA THR B 52 -9.77 -12.46 18.07
C THR B 52 -10.14 -12.37 19.53
N GLY B 53 -9.17 -12.40 20.43
CA GLY B 53 -9.41 -12.57 21.85
C GLY B 53 -9.31 -13.99 22.33
N ASP B 54 -9.32 -14.97 21.42
CA ASP B 54 -9.16 -16.36 21.79
C ASP B 54 -7.73 -16.61 22.28
N GLU B 55 -7.57 -17.72 23.00
CA GLU B 55 -6.27 -18.12 23.51
C GLU B 55 -5.72 -19.27 22.68
N ALA B 56 -4.40 -19.35 22.61
CA ALA B 56 -3.73 -20.39 21.85
C ALA B 56 -2.37 -20.67 22.48
N TRP B 57 -1.80 -21.82 22.14
CA TRP B 57 -0.41 -22.14 22.45
C TRP B 57 0.45 -21.79 21.23
N LEU B 58 1.40 -20.89 21.43
CA LEU B 58 2.36 -20.51 20.40
C LEU B 58 3.64 -21.33 20.56
N VAL B 59 4.01 -22.07 19.52
CA VAL B 59 5.13 -23.01 19.55
C VAL B 59 6.28 -22.42 18.76
N SER B 60 7.41 -22.12 19.44
CA SER B 60 8.46 -21.28 18.85
C SER B 60 9.86 -21.89 18.76
N SER B 61 10.09 -23.08 19.31
CA SER B 61 11.37 -23.74 19.11
C SER B 61 11.29 -24.66 17.91
N TYR B 62 12.44 -24.92 17.28
CA TYR B 62 12.48 -25.79 16.12
C TYR B 62 11.98 -27.19 16.46
N GLU B 63 12.46 -27.76 17.57
CA GLU B 63 12.14 -29.15 17.86
C GLU B 63 10.65 -29.30 18.14
N LEU B 64 10.06 -28.39 18.91
CA LEU B 64 8.65 -28.49 19.23
C LEU B 64 7.78 -28.12 18.03
N ALA B 65 8.22 -27.14 17.23
CA ALA B 65 7.53 -26.81 15.99
C ALA B 65 7.44 -28.02 15.07
N LYS B 66 8.60 -28.62 14.75
CA LYS B 66 8.64 -29.79 13.89
C LYS B 66 7.75 -30.90 14.46
N GLN B 67 7.80 -31.10 15.77
CA GLN B 67 7.00 -32.13 16.42
C GLN B 67 5.51 -31.93 16.14
N VAL B 68 5.00 -30.70 16.31
CA VAL B 68 3.58 -30.42 16.07
C VAL B 68 3.20 -30.78 14.64
N LEU B 69 4.00 -30.31 13.67
CA LEU B 69 3.68 -30.48 12.27
C LEU B 69 3.70 -31.94 11.83
N GLU B 70 4.44 -32.79 12.52
CA GLU B 70 4.56 -34.20 12.17
C GLU B 70 3.68 -35.10 13.02
N ASP B 71 2.85 -34.52 13.88
CA ASP B 71 2.02 -35.25 14.83
C ASP B 71 0.57 -34.98 14.43
N ASP B 72 -0.06 -35.95 13.77
CA ASP B 72 -1.38 -35.74 13.18
C ASP B 72 -2.49 -35.67 14.22
N ARG B 73 -2.21 -35.78 15.53
CA ARG B 73 -3.22 -35.39 16.49
C ARG B 73 -3.36 -33.87 16.61
N PHE B 74 -2.56 -33.12 15.85
CA PHE B 74 -2.73 -31.68 15.66
C PHE B 74 -3.29 -31.50 14.25
N SER B 75 -4.52 -31.00 14.14
CA SER B 75 -5.28 -31.07 12.90
C SER B 75 -5.43 -29.70 12.25
N LEU B 76 -5.10 -29.62 10.95
CA LEU B 76 -5.30 -28.38 10.20
C LEU B 76 -6.76 -28.21 9.80
N LYS B 77 -7.38 -29.29 9.30
CA LYS B 77 -8.76 -29.23 8.84
C LYS B 77 -9.69 -28.62 9.89
N ASP B 78 -9.54 -29.03 11.15
CA ASP B 78 -10.48 -28.66 12.19
C ASP B 78 -10.32 -27.22 12.67
N THR B 79 -9.30 -26.49 12.20
CA THR B 79 -9.18 -25.07 12.57
C THR B 79 -10.31 -24.25 11.98
N ALA B 80 -10.91 -24.72 10.89
CA ALA B 80 -12.02 -24.09 10.20
C ALA B 80 -13.39 -24.50 10.74
N ASN B 81 -13.45 -25.31 11.82
CA ASN B 81 -14.73 -25.75 12.33
C ASN B 81 -15.43 -24.62 13.11
N PRO B 82 -16.76 -24.59 13.10
CA PRO B 82 -17.48 -23.56 13.87
C PRO B 82 -17.16 -23.65 15.36
N GLY B 83 -16.91 -22.50 15.97
CA GLY B 83 -16.80 -22.42 17.41
C GLY B 83 -15.47 -22.82 18.01
N VAL B 84 -14.50 -23.27 17.21
CA VAL B 84 -13.15 -23.51 17.73
C VAL B 84 -12.42 -22.18 17.90
N PRO B 85 -11.44 -22.09 18.80
CA PRO B 85 -10.66 -20.85 18.89
C PRO B 85 -9.91 -20.57 17.58
N ARG B 86 -9.74 -19.28 17.29
CA ARG B 86 -9.21 -18.82 16.01
C ARG B 86 -8.13 -17.78 16.22
N GLN B 87 -7.10 -17.80 15.36
CA GLN B 87 -6.16 -16.69 15.38
C GLN B 87 -6.70 -15.46 14.65
N TYR B 88 -7.57 -15.64 13.65
CA TYR B 88 -8.28 -14.54 13.00
C TYR B 88 -9.50 -15.13 12.30
N ALA B 89 -10.39 -14.24 11.84
CA ALA B 89 -11.64 -14.69 11.27
C ALA B 89 -11.43 -15.49 10.01
N LEU B 90 -12.23 -16.54 9.83
CA LEU B 90 -12.31 -17.25 8.56
C LEU B 90 -12.74 -16.29 7.47
N THR B 91 -12.05 -16.33 6.32
CA THR B 91 -12.44 -15.51 5.19
C THR B 91 -12.80 -16.33 3.96
N ILE B 92 -12.71 -17.65 4.05
CA ILE B 92 -13.06 -18.56 2.96
C ILE B 92 -14.01 -19.60 3.55
N PRO B 93 -14.72 -20.37 2.73
CA PRO B 93 -15.53 -21.47 3.27
C PRO B 93 -14.67 -22.47 4.01
N PRO B 94 -15.14 -22.98 5.15
CA PRO B 94 -14.31 -23.88 5.97
C PRO B 94 -13.78 -25.08 5.22
N GLU B 95 -14.46 -25.54 4.16
CA GLU B 95 -13.94 -26.66 3.38
C GLU B 95 -12.64 -26.29 2.69
N VAL B 96 -12.46 -25.01 2.33
CA VAL B 96 -11.28 -24.63 1.56
C VAL B 96 -10.00 -24.79 2.39
N VAL B 97 -10.08 -24.54 3.71
CA VAL B 97 -8.94 -24.83 4.57
C VAL B 97 -8.48 -26.28 4.42
N ASN B 98 -9.41 -27.18 4.08
CA ASN B 98 -9.11 -28.57 3.77
C ASN B 98 -8.98 -28.81 2.27
N ASN B 99 -8.46 -27.82 1.53
CA ASN B 99 -8.27 -27.93 0.09
C ASN B 99 -7.65 -29.27 -0.31
N MET B 100 -6.60 -29.68 0.40
CA MET B 100 -5.85 -30.88 0.03
C MET B 100 -6.62 -32.14 0.34
N GLY B 101 -7.38 -32.13 1.45
CA GLY B 101 -8.29 -33.24 1.71
C GLY B 101 -9.31 -33.40 0.60
N ASN B 102 -9.99 -32.30 0.25
CA ASN B 102 -11.01 -32.35 -0.80
C ASN B 102 -10.41 -32.73 -2.16
N ILE B 103 -9.18 -32.28 -2.44
CA ILE B 103 -8.54 -32.63 -3.70
C ILE B 103 -8.24 -34.12 -3.75
N ASN B 104 -7.94 -34.73 -2.60
CA ASN B 104 -7.64 -36.15 -2.57
C ASN B 104 -8.90 -36.98 -2.79
N SER B 105 -9.94 -36.73 -1.98
CA SER B 105 -11.13 -37.58 -1.97
C SER B 105 -11.96 -37.48 -3.25
N ALA B 106 -11.69 -36.51 -4.12
CA ALA B 106 -12.48 -36.32 -5.33
C ALA B 106 -11.75 -36.75 -6.59
N GLY B 107 -10.64 -37.48 -6.46
CA GLY B 107 -9.89 -37.85 -7.64
C GLY B 107 -9.22 -36.68 -8.33
N LEU B 108 -9.06 -35.56 -7.63
CA LEU B 108 -8.46 -34.36 -8.17
C LEU B 108 -6.96 -34.29 -7.95
N ARG B 109 -6.41 -35.21 -7.14
CA ARG B 109 -4.99 -35.15 -6.78
C ARG B 109 -4.08 -35.21 -7.99
N ASN B 110 -4.39 -36.09 -8.94
CA ASN B 110 -3.53 -36.24 -10.11
C ASN B 110 -3.42 -34.92 -10.87
N ALA B 111 -4.56 -34.32 -11.22
CA ALA B 111 -4.56 -33.06 -11.96
C ALA B 111 -3.79 -31.98 -11.20
N VAL B 112 -4.07 -31.84 -9.90
CA VAL B 112 -3.37 -30.83 -9.09
C VAL B 112 -1.88 -31.12 -9.05
N MET B 113 -1.51 -32.35 -8.65
CA MET B 113 -0.09 -32.71 -8.54
C MET B 113 0.65 -32.51 -9.84
N LYS B 114 0.06 -32.90 -10.97
CA LYS B 114 0.73 -32.69 -12.25
C LYS B 114 0.90 -31.20 -12.52
N THR B 115 -0.09 -30.39 -12.14
CA THR B 115 -0.01 -28.95 -12.38
C THR B 115 1.07 -28.32 -11.52
N LEU B 116 1.25 -28.81 -10.30
CA LEU B 116 2.26 -28.28 -9.39
C LEU B 116 3.63 -28.93 -9.63
N SER B 117 3.90 -29.37 -10.85
CA SER B 117 5.19 -29.96 -11.19
C SER B 117 5.93 -29.05 -12.15
N PRO B 118 7.02 -28.37 -11.73
CA PRO B 118 7.86 -27.64 -12.69
C PRO B 118 8.32 -28.53 -13.83
N GLN B 119 8.32 -29.85 -13.58
CA GLN B 119 8.80 -30.84 -14.53
C GLN B 119 7.75 -31.20 -15.57
N ALA B 120 6.46 -31.13 -15.22
CA ALA B 120 5.40 -31.39 -16.18
C ALA B 120 5.19 -30.25 -17.18
N ASP B 121 5.81 -29.10 -16.97
CA ASP B 121 5.75 -27.96 -17.88
C ASP B 121 7.18 -27.70 -18.36
N ARG B 122 7.63 -28.52 -19.30
CA ARG B 122 9.02 -28.47 -19.76
C ARG B 122 9.42 -27.07 -20.24
N GLU B 123 8.46 -26.23 -20.62
CA GLU B 123 8.75 -24.86 -21.02
C GLU B 123 8.71 -23.85 -19.88
N LEU B 124 8.26 -24.26 -18.69
CA LEU B 124 7.98 -23.28 -17.63
C LEU B 124 9.20 -22.44 -17.30
N GLY B 125 10.36 -23.09 -17.13
CA GLY B 125 11.56 -22.36 -16.73
C GLY B 125 11.92 -21.26 -17.71
N GLY B 126 12.00 -21.58 -19.00
CA GLY B 126 12.30 -20.56 -19.98
C GLY B 126 11.23 -19.49 -20.05
N TRP B 127 9.98 -19.85 -19.78
CA TRP B 127 8.89 -18.89 -19.84
C TRP B 127 8.95 -17.91 -18.66
N LEU B 128 9.15 -18.44 -17.45
CA LEU B 128 9.32 -17.57 -16.29
C LEU B 128 10.50 -16.62 -16.47
N GLU B 129 11.60 -17.14 -17.02
CA GLU B 129 12.78 -16.32 -17.34
C GLU B 129 12.41 -15.16 -18.23
N ALA B 130 11.66 -15.43 -19.31
CA ALA B 130 11.23 -14.36 -20.21
C ALA B 130 10.30 -13.38 -19.49
N GLN B 131 9.39 -13.90 -18.65
CA GLN B 131 8.53 -13.01 -17.87
C GLN B 131 9.35 -12.08 -16.98
N ALA B 132 10.29 -12.67 -16.22
CA ALA B 132 11.20 -11.88 -15.39
C ALA B 132 11.91 -10.80 -16.18
N HIS B 133 12.50 -11.18 -17.32
CA HIS B 133 13.32 -10.24 -18.08
C HIS B 133 12.46 -9.16 -18.73
N GLN B 134 11.27 -9.52 -19.21
CA GLN B 134 10.42 -8.48 -19.78
C GLN B 134 10.06 -7.43 -18.74
N LEU B 135 9.73 -7.87 -17.52
CA LEU B 135 9.38 -6.91 -16.47
C LEU B 135 10.55 -6.02 -16.11
N LEU B 136 11.75 -6.59 -16.00
CA LEU B 136 12.92 -5.80 -15.58
C LEU B 136 13.38 -4.85 -16.70
N ASP B 137 13.27 -5.28 -17.97
CA ASP B 137 13.60 -4.38 -19.08
C ASP B 137 12.74 -3.13 -19.06
N ARG B 138 11.47 -3.28 -18.70
CA ARG B 138 10.57 -2.13 -18.62
C ARG B 138 11.02 -1.16 -17.53
N LEU B 139 11.30 -1.69 -16.33
CA LEU B 139 11.83 -0.84 -15.26
C LEU B 139 13.12 -0.16 -15.68
N ILE B 140 13.99 -0.89 -16.38
CA ILE B 140 15.26 -0.31 -16.82
C ILE B 140 14.99 0.84 -17.80
N GLU B 141 14.05 0.65 -18.73
CA GLU B 141 13.65 1.71 -19.67
C GLU B 141 13.30 3.00 -18.93
N GLN B 142 12.44 2.89 -17.93
CA GLN B 142 11.97 4.09 -17.18
C GLN B 142 13.08 4.66 -16.31
N GLY B 143 14.01 3.81 -15.85
CA GLY B 143 15.04 4.29 -14.95
C GLY B 143 14.61 4.27 -13.49
N PRO B 144 15.58 4.32 -12.57
CA PRO B 144 15.27 4.22 -11.13
C PRO B 144 14.79 5.55 -10.58
N PRO B 145 14.11 5.55 -9.42
CA PRO B 145 13.74 4.34 -8.65
C PRO B 145 12.53 3.64 -9.22
N ALA B 146 12.28 2.43 -8.75
CA ALA B 146 11.06 1.73 -9.11
C ALA B 146 10.59 0.93 -7.91
N ASP B 147 9.33 0.53 -7.95
CA ASP B 147 8.70 -0.27 -6.91
C ASP B 147 8.71 -1.72 -7.38
N LEU B 148 9.55 -2.55 -6.76
CA LEU B 148 9.68 -3.93 -7.25
C LEU B 148 8.48 -4.80 -6.88
N ARG B 149 7.59 -4.33 -6.02
CA ARG B 149 6.38 -5.09 -5.77
C ARG B 149 5.43 -4.97 -6.95
N ASP B 150 4.94 -3.75 -7.24
CA ASP B 150 4.02 -3.54 -8.36
C ASP B 150 4.71 -3.77 -9.70
N GLY B 151 6.00 -3.47 -9.79
CA GLY B 151 6.71 -3.57 -11.07
C GLY B 151 7.35 -4.92 -11.32
N PHE B 152 7.25 -5.85 -10.37
CA PHE B 152 7.97 -7.11 -10.59
C PHE B 152 7.31 -8.27 -9.87
N THR B 153 7.31 -8.32 -8.53
CA THR B 153 6.94 -9.57 -7.87
C THR B 153 5.45 -9.80 -8.12
N GLU B 154 4.63 -8.74 -8.06
CA GLU B 154 3.19 -8.94 -8.26
C GLU B 154 2.87 -9.46 -9.66
N PRO B 155 3.24 -8.78 -10.75
CA PRO B 155 2.93 -9.33 -12.08
C PRO B 155 3.64 -10.65 -12.37
N TYR B 156 4.85 -10.84 -11.84
CA TYR B 156 5.56 -12.08 -12.09
C TYR B 156 4.83 -13.26 -11.45
N SER B 157 4.40 -13.10 -10.19
CA SER B 157 3.68 -14.16 -9.50
C SER B 157 2.30 -14.38 -10.11
N ALA B 158 1.64 -13.29 -10.55
CA ALA B 158 0.34 -13.42 -11.19
C ALA B 158 0.46 -14.17 -12.52
N ALA B 159 1.46 -13.80 -13.31
CA ALA B 159 1.70 -14.51 -14.56
C ALA B 159 1.89 -16.00 -14.32
N LEU B 160 2.68 -16.36 -13.31
CA LEU B 160 2.94 -17.78 -13.08
C LEU B 160 1.64 -18.52 -12.78
N HIS B 161 0.83 -17.97 -11.89
CA HIS B 161 -0.37 -18.68 -11.49
C HIS B 161 -1.49 -18.56 -12.52
N CYS B 162 -1.44 -17.54 -13.38
CA CYS B 162 -2.33 -17.57 -14.55
C CYS B 162 -1.96 -18.74 -15.47
N ARG B 163 -0.66 -18.99 -15.64
CA ARG B 163 -0.24 -20.11 -16.49
C ARG B 163 -0.57 -21.43 -15.82
N LEU B 164 -0.41 -21.51 -14.50
CA LEU B 164 -0.76 -22.72 -13.76
C LEU B 164 -2.21 -23.11 -14.00
N LEU B 165 -3.11 -22.13 -14.07
CA LEU B 165 -4.53 -22.42 -14.20
C LEU B 165 -4.92 -22.64 -15.66
N GLY B 166 -4.15 -22.08 -16.59
CA GLY B 166 -4.53 -22.03 -17.97
C GLY B 166 -5.47 -20.91 -18.32
N ILE B 167 -5.26 -19.72 -17.76
CA ILE B 167 -6.08 -18.55 -18.05
C ILE B 167 -5.14 -17.45 -18.52
N PRO B 168 -5.65 -16.46 -19.27
CA PRO B 168 -4.79 -15.34 -19.67
C PRO B 168 -4.41 -14.49 -18.46
N THR B 169 -3.41 -13.65 -18.67
CA THR B 169 -2.96 -12.73 -17.63
C THR B 169 -3.66 -11.37 -17.68
N ASP B 170 -4.63 -11.20 -18.60
CA ASP B 170 -5.25 -9.89 -18.84
C ASP B 170 -5.77 -9.24 -17.57
N ASP B 171 -6.35 -10.02 -16.66
CA ASP B 171 -7.03 -9.48 -15.48
C ASP B 171 -6.19 -9.61 -14.20
N TRP B 172 -4.85 -9.62 -14.34
CA TRP B 172 -4.03 -9.92 -13.18
C TRP B 172 -4.18 -8.88 -12.09
N ARG B 173 -4.35 -7.60 -12.46
CA ARG B 173 -4.50 -6.58 -11.42
C ARG B 173 -5.74 -6.84 -10.58
N ARG B 174 -6.85 -7.18 -11.23
CA ARG B 174 -8.08 -7.52 -10.50
C ARG B 174 -7.89 -8.74 -9.62
N LEU B 175 -7.23 -9.78 -10.13
CA LEU B 175 -7.08 -11.01 -9.36
C LEU B 175 -6.17 -10.79 -8.15
N MET B 176 -5.05 -10.09 -8.33
CA MET B 176 -4.23 -9.78 -7.18
C MET B 176 -4.97 -8.86 -6.21
N SER B 177 -5.90 -8.04 -6.69
CA SER B 177 -6.70 -7.24 -5.76
C SER B 177 -7.63 -8.13 -4.93
N GLY B 178 -8.12 -9.23 -5.50
CA GLY B 178 -8.89 -10.17 -4.70
C GLY B 178 -8.07 -10.75 -3.56
N ILE B 179 -6.80 -11.03 -3.82
CA ILE B 179 -5.90 -11.52 -2.78
C ILE B 179 -5.75 -10.47 -1.67
N ASP B 180 -5.73 -9.19 -2.05
CA ASP B 180 -5.62 -8.12 -1.05
C ASP B 180 -6.75 -8.17 -0.02
N VAL B 181 -7.89 -8.73 -0.39
CA VAL B 181 -9.02 -8.90 0.51
C VAL B 181 -9.05 -10.30 1.11
N ALA B 182 -8.83 -11.33 0.28
CA ALA B 182 -8.97 -12.71 0.75
C ALA B 182 -8.04 -13.03 1.91
N PHE B 183 -6.83 -12.45 1.95
CA PHE B 183 -5.84 -12.84 2.95
C PHE B 183 -5.72 -11.83 4.10
N ILE B 184 -6.76 -11.03 4.30
CA ILE B 184 -6.84 -10.13 5.44
C ILE B 184 -7.01 -10.93 6.73
N THR B 185 -6.30 -10.52 7.79
CA THR B 185 -6.52 -11.07 9.13
C THR B 185 -7.41 -10.10 9.91
N SER B 186 -8.58 -10.57 10.32
CA SER B 186 -9.60 -9.77 10.97
C SER B 186 -10.02 -10.41 12.30
N PRO B 187 -10.16 -9.60 13.36
CA PRO B 187 -10.70 -10.14 14.63
C PRO B 187 -12.06 -10.84 14.49
N ARG B 188 -12.97 -10.22 13.75
CA ARG B 188 -14.29 -10.76 13.48
C ARG B 188 -14.51 -10.83 11.98
N THR B 189 -15.44 -11.68 11.56
CA THR B 189 -15.74 -11.77 10.14
C THR B 189 -16.28 -10.44 9.64
N PHE B 190 -16.02 -10.15 8.36
CA PHE B 190 -16.47 -8.87 7.76
C PHE B 190 -17.15 -8.84 6.40
N GLU B 191 -18.48 -8.76 6.39
CA GLU B 191 -19.22 -8.66 5.10
C GLU B 191 -18.37 -8.19 3.91
N GLY B 192 -17.99 -9.11 3.02
CA GLY B 192 -17.12 -8.76 1.88
C GLY B 192 -16.17 -9.90 1.59
N SER B 193 -15.60 -10.52 2.62
CA SER B 193 -14.72 -11.69 2.46
C SER B 193 -15.54 -12.65 1.59
N ALA B 194 -16.83 -12.76 1.90
CA ALA B 194 -17.68 -13.74 1.18
C ALA B 194 -18.00 -13.12 -0.18
N VAL B 195 -18.36 -11.84 -0.20
CA VAL B 195 -18.58 -11.22 -1.53
C VAL B 195 -17.33 -11.39 -2.39
N ASN B 196 -16.16 -11.10 -1.82
CA ASN B 196 -14.92 -11.21 -2.58
C ASN B 196 -14.69 -12.65 -3.04
N TRP B 197 -14.98 -13.62 -2.17
CA TRP B 197 -14.78 -15.01 -2.56
C TRP B 197 -15.66 -15.39 -3.76
N TYR B 198 -16.96 -15.15 -3.66
CA TYR B 198 -17.86 -15.55 -4.75
C TYR B 198 -17.61 -14.73 -6.00
N LYS B 199 -17.04 -13.53 -5.85
CA LYS B 199 -16.64 -12.74 -7.01
C LYS B 199 -15.64 -13.51 -7.86
N ASP B 200 -14.56 -14.00 -7.25
CA ASP B 200 -13.54 -14.63 -8.07
C ASP B 200 -13.79 -16.09 -8.30
N LEU B 201 -14.61 -16.73 -7.47
CA LEU B 201 -15.15 -18.04 -7.82
C LEU B 201 -15.92 -17.98 -9.12
N GLY B 202 -16.81 -16.98 -9.25
CA GLY B 202 -17.53 -16.80 -10.51
C GLY B 202 -16.60 -16.60 -11.68
N TYR B 203 -15.56 -15.79 -11.49
CA TYR B 203 -14.54 -15.64 -12.53
C TYR B 203 -13.96 -16.98 -12.94
N MET B 204 -13.64 -17.84 -11.97
CA MET B 204 -13.01 -19.12 -12.28
C MET B 204 -14.01 -20.07 -12.95
N VAL B 205 -15.27 -20.04 -12.50
CA VAL B 205 -16.30 -20.86 -13.14
C VAL B 205 -16.44 -20.50 -14.62
N ASP B 206 -16.41 -19.20 -14.91
CA ASP B 206 -16.56 -18.72 -16.28
C ASP B 206 -15.40 -19.15 -17.17
N ARG B 207 -14.17 -19.08 -16.66
CA ARG B 207 -13.03 -19.53 -17.47
C ARG B 207 -13.11 -21.02 -17.75
N LEU B 208 -13.64 -21.79 -16.79
CA LEU B 208 -13.74 -23.24 -16.88
C LEU B 208 -14.85 -23.69 -17.82
N ASN B 209 -15.94 -22.93 -17.88
CA ASN B 209 -17.12 -23.29 -18.71
C ASN B 209 -17.13 -22.51 -20.02
N ALA B 210 -16.01 -21.92 -20.42
CA ALA B 210 -15.93 -21.12 -21.66
C ALA B 210 -16.25 -21.96 -22.91
N ASP B 211 -16.76 -21.34 -23.98
CA ASP B 211 -17.20 -22.18 -25.14
C ASP B 211 -16.01 -22.97 -25.68
N PRO B 212 -14.97 -22.38 -26.29
CA PRO B 212 -13.83 -23.19 -26.67
C PRO B 212 -13.28 -23.69 -25.35
N GLU B 213 -13.92 -24.74 -24.81
CA GLU B 213 -13.55 -25.26 -23.45
C GLU B 213 -12.05 -25.10 -23.20
N PRO B 214 -11.64 -24.56 -22.03
CA PRO B 214 -10.21 -24.41 -21.74
C PRO B 214 -9.37 -25.66 -21.92
N THR B 215 -8.16 -25.50 -22.47
CA THR B 215 -7.30 -26.68 -22.78
C THR B 215 -6.00 -26.79 -21.98
N GLU B 216 -5.46 -25.72 -21.39
CA GLU B 216 -4.11 -25.82 -20.74
C GLU B 216 -4.16 -25.74 -19.23
N GLY B 217 -3.04 -26.02 -18.53
CA GLY B 217 -3.12 -25.80 -17.11
C GLY B 217 -3.97 -26.71 -16.23
N LEU B 218 -4.43 -26.11 -15.11
CA LEU B 218 -5.32 -26.82 -14.20
C LEU B 218 -6.73 -26.90 -14.77
N LEU B 219 -7.23 -25.80 -15.35
CA LEU B 219 -8.60 -25.80 -15.87
C LEU B 219 -8.76 -26.83 -16.98
N GLY B 220 -7.80 -26.90 -17.91
CA GLY B 220 -7.88 -27.88 -18.97
C GLY B 220 -7.98 -29.30 -18.44
N ARG B 221 -7.12 -29.66 -17.49
CA ARG B 221 -7.23 -30.97 -16.89
C ARG B 221 -8.59 -31.15 -16.25
N PHE B 222 -9.09 -30.10 -15.60
CA PHE B 222 -10.44 -30.13 -15.02
C PHE B 222 -11.50 -30.37 -16.09
N ALA B 223 -11.34 -29.74 -17.26
CA ALA B 223 -12.33 -29.89 -18.31
C ALA B 223 -12.38 -31.34 -18.79
N GLU B 224 -11.21 -31.93 -19.05
CA GLU B 224 -11.16 -33.33 -19.43
C GLU B 224 -11.70 -34.22 -18.31
N LEU B 225 -11.36 -33.88 -17.06
CA LEU B 225 -11.72 -34.72 -15.93
C LEU B 225 -13.23 -34.94 -15.83
N ARG B 226 -14.02 -33.89 -16.00
CA ARG B 226 -15.46 -34.06 -15.88
C ARG B 226 -16.11 -34.64 -17.14
N ARG B 227 -15.35 -34.91 -18.20
CA ARG B 227 -15.86 -35.67 -19.32
C ARG B 227 -15.78 -37.17 -19.10
N SER B 228 -15.00 -37.56 -18.09
CA SER B 228 -14.90 -39.01 -17.72
C SER B 228 -15.78 -39.24 -16.49
N VAL B 235 -17.78 -34.43 -8.82
CA VAL B 235 -17.08 -33.16 -8.66
C VAL B 235 -17.94 -32.11 -9.34
N SER B 236 -18.17 -31.01 -8.66
CA SER B 236 -19.00 -29.93 -9.19
C SER B 236 -18.13 -28.82 -9.74
N ASP B 237 -18.74 -27.98 -10.58
CA ASP B 237 -18.07 -26.76 -11.02
C ASP B 237 -17.61 -25.94 -9.82
N GLU B 238 -18.45 -25.87 -8.78
CA GLU B 238 -18.10 -25.14 -7.57
C GLU B 238 -16.80 -25.67 -6.96
N LEU B 239 -16.69 -26.99 -6.81
CA LEU B 239 -15.47 -27.55 -6.24
C LEU B 239 -14.28 -27.30 -7.14
N LEU B 240 -14.47 -27.49 -8.46
CA LEU B 240 -13.38 -27.27 -9.40
C LEU B 240 -12.88 -25.83 -9.31
N ALA B 241 -13.82 -24.87 -9.39
CA ALA B 241 -13.43 -23.47 -9.32
C ALA B 241 -12.84 -23.11 -7.96
N THR B 242 -13.32 -23.76 -6.89
CA THR B 242 -12.78 -23.53 -5.56
C THR B 242 -11.31 -23.92 -5.50
N VAL B 243 -10.97 -25.07 -6.06
CA VAL B 243 -9.59 -25.52 -6.07
C VAL B 243 -8.73 -24.57 -6.91
N ALA B 244 -9.24 -24.17 -8.08
CA ALA B 244 -8.47 -23.25 -8.92
C ALA B 244 -8.24 -21.91 -8.21
N LEU B 245 -9.30 -21.34 -7.62
CA LEU B 245 -9.19 -20.04 -6.95
C LEU B 245 -8.21 -20.10 -5.78
N SER B 246 -8.33 -21.12 -4.94
CA SER B 246 -7.51 -21.16 -3.72
C SER B 246 -6.06 -21.45 -4.05
N LEU B 247 -5.80 -22.24 -5.09
CA LEU B 247 -4.44 -22.45 -5.56
C LEU B 247 -3.84 -21.17 -6.14
N PHE B 248 -4.62 -20.46 -6.96
CA PHE B 248 -4.17 -19.17 -7.46
C PHE B 248 -3.84 -18.22 -6.31
N GLY B 249 -4.78 -18.07 -5.36
CA GLY B 249 -4.60 -17.08 -4.32
C GLY B 249 -3.45 -17.40 -3.39
N ALA B 250 -3.41 -18.63 -2.88
CA ALA B 250 -2.38 -19.03 -1.93
C ALA B 250 -1.00 -19.00 -2.58
N GLY B 251 -0.92 -19.40 -3.83
CA GLY B 251 0.36 -19.44 -4.51
C GLY B 251 0.86 -18.06 -4.94
N ALA B 252 -0.04 -17.25 -5.51
CA ALA B 252 0.40 -15.92 -5.93
C ALA B 252 0.80 -15.08 -4.73
N VAL B 253 0.08 -15.19 -3.61
CA VAL B 253 0.40 -14.36 -2.45
C VAL B 253 1.70 -14.82 -1.79
N SER B 254 1.92 -16.14 -1.71
CA SER B 254 3.06 -16.68 -0.99
C SER B 254 4.35 -16.49 -1.76
N THR B 255 4.32 -16.72 -3.08
CA THR B 255 5.50 -16.47 -3.89
C THR B 255 5.81 -14.98 -3.94
N SER B 256 4.79 -14.13 -4.19
CA SER B 256 5.07 -12.70 -4.28
C SER B 256 5.67 -12.17 -2.99
N ALA B 257 5.10 -12.56 -1.85
CA ALA B 257 5.63 -12.09 -0.57
C ALA B 257 7.03 -12.64 -0.31
N PHE B 258 7.27 -13.93 -0.57
CA PHE B 258 8.62 -14.45 -0.32
C PHE B 258 9.64 -13.72 -1.20
N LEU B 259 9.30 -13.50 -2.46
CA LEU B 259 10.25 -12.86 -3.38
C LEU B 259 10.61 -11.45 -2.91
N GLN B 260 9.62 -10.71 -2.41
CA GLN B 260 9.89 -9.38 -1.85
C GLN B 260 10.90 -9.44 -0.72
N HIS B 261 10.72 -10.38 0.22
CA HIS B 261 11.70 -10.53 1.30
C HIS B 261 13.08 -10.92 0.75
N ALA B 262 13.12 -11.78 -0.27
CA ALA B 262 14.43 -12.15 -0.83
C ALA B 262 15.11 -10.94 -1.46
N ILE B 263 14.34 -10.14 -2.18
CA ILE B 263 14.88 -8.93 -2.81
C ILE B 263 15.45 -8.00 -1.75
N ILE B 264 14.70 -7.79 -0.66
CA ILE B 264 15.20 -6.93 0.43
C ILE B 264 16.56 -7.44 0.93
N ALA B 265 16.69 -8.76 1.12
CA ALA B 265 17.97 -9.32 1.54
C ALA B 265 19.09 -9.00 0.54
N LEU B 266 18.81 -9.17 -0.76
CA LEU B 266 19.84 -8.90 -1.77
C LEU B 266 20.19 -7.43 -1.85
N ALA B 267 19.18 -6.56 -1.69
CA ALA B 267 19.44 -5.12 -1.72
C ALA B 267 20.24 -4.68 -0.50
N GLN B 268 19.93 -5.25 0.66
CA GLN B 268 20.57 -4.86 1.90
C GLN B 268 21.96 -5.46 2.04
N GLN B 269 22.21 -6.59 1.39
CA GLN B 269 23.47 -7.32 1.52
C GLN B 269 24.02 -7.56 0.13
N PRO B 270 24.56 -6.52 -0.51
CA PRO B 270 24.97 -6.67 -1.92
C PRO B 270 26.05 -7.72 -2.13
N GLU B 271 26.76 -8.16 -1.08
CA GLU B 271 27.73 -9.25 -1.26
C GLU B 271 27.02 -10.55 -1.65
N LEU B 272 25.76 -10.74 -1.25
CA LEU B 272 25.00 -11.90 -1.70
C LEU B 272 24.74 -11.84 -3.21
N ALA B 273 24.48 -10.65 -3.73
CA ALA B 273 24.27 -10.54 -5.17
C ALA B 273 25.56 -10.78 -5.93
N ASP B 274 26.70 -10.30 -5.40
CA ASP B 274 27.99 -10.58 -6.01
C ASP B 274 28.24 -12.08 -6.08
N ARG B 275 27.88 -12.81 -5.01
CA ARG B 275 28.05 -14.26 -5.01
C ARG B 275 27.23 -14.91 -6.10
N LEU B 276 25.99 -14.43 -6.30
CA LEU B 276 25.10 -15.06 -7.29
C LEU B 276 25.54 -14.76 -8.71
N ARG B 277 26.09 -13.58 -8.94
CA ARG B 277 26.65 -13.28 -10.26
C ARG B 277 27.91 -14.10 -10.52
N ALA B 278 28.76 -14.28 -9.50
CA ALA B 278 30.01 -15.01 -9.73
C ALA B 278 29.79 -16.51 -9.86
N GLU B 279 28.75 -17.03 -9.22
CA GLU B 279 28.53 -18.47 -9.10
C GLU B 279 27.04 -18.76 -9.27
N PRO B 280 26.53 -18.63 -10.49
CA PRO B 280 25.07 -18.81 -10.69
C PRO B 280 24.54 -20.15 -10.21
N ALA B 281 25.34 -21.23 -10.26
CA ALA B 281 24.83 -22.53 -9.83
C ALA B 281 24.47 -22.58 -8.35
N VAL B 282 24.83 -21.56 -7.57
CA VAL B 282 24.51 -21.55 -6.15
C VAL B 282 23.09 -21.04 -5.90
N ILE B 283 22.35 -20.67 -6.95
CA ILE B 283 21.03 -20.09 -6.78
C ILE B 283 20.11 -21.02 -5.99
N GLY B 284 20.25 -22.33 -6.17
CA GLY B 284 19.39 -23.25 -5.46
C GLY B 284 19.63 -23.21 -3.95
N ARG B 285 20.89 -23.33 -3.54
CA ARG B 285 21.27 -23.18 -2.13
C ARG B 285 20.89 -21.82 -1.60
N ALA B 286 21.13 -20.77 -2.37
CA ALA B 286 20.86 -19.42 -1.90
C ALA B 286 19.38 -19.25 -1.56
N VAL B 287 18.51 -19.60 -2.51
CA VAL B 287 17.07 -19.51 -2.28
C VAL B 287 16.65 -20.37 -1.11
N ASP B 288 17.27 -21.55 -0.96
CA ASP B 288 16.96 -22.40 0.20
C ASP B 288 17.28 -21.69 1.51
N GLU B 289 18.40 -20.97 1.56
CA GLU B 289 18.74 -20.21 2.77
C GLU B 289 17.87 -18.96 2.93
N LEU B 290 17.57 -18.27 1.83
CA LEU B 290 16.64 -17.14 1.92
C LEU B 290 15.26 -17.59 2.43
N LEU B 291 14.84 -18.80 2.05
CA LEU B 291 13.60 -19.38 2.57
C LEU B 291 13.66 -19.56 4.09
N ARG B 292 14.73 -20.17 4.60
CA ARG B 292 14.91 -20.23 6.06
C ARG B 292 14.80 -18.85 6.68
N TYR B 293 15.44 -17.86 6.06
CA TYR B 293 15.56 -16.53 6.62
C TYR B 293 14.25 -15.75 6.57
N ASN B 294 13.41 -16.02 5.58
CA ASN B 294 12.35 -15.10 5.20
C ASN B 294 11.22 -15.08 6.22
N LEU B 295 10.65 -13.88 6.38
CA LEU B 295 9.62 -13.58 7.38
C LEU B 295 8.28 -13.26 6.75
N SER B 296 8.06 -13.68 5.51
CA SER B 296 6.81 -13.39 4.79
C SER B 296 5.60 -14.01 5.48
N ILE B 297 5.77 -15.12 6.19
CA ILE B 297 4.66 -15.70 6.92
C ILE B 297 4.36 -14.81 8.13
N GLY B 298 3.23 -14.12 8.11
CA GLY B 298 2.90 -13.12 9.10
C GLY B 298 1.97 -13.58 10.20
N ASP B 299 1.49 -14.82 10.13
CA ASP B 299 0.68 -15.47 11.16
C ASP B 299 1.42 -16.79 11.40
N ALA B 300 0.92 -17.58 12.35
CA ALA B 300 1.40 -18.94 12.52
C ALA B 300 0.61 -20.07 11.87
N LEU B 301 1.23 -21.26 11.77
CA LEU B 301 0.53 -22.40 11.19
C LEU B 301 -0.42 -22.97 12.23
N PRO B 302 -1.73 -22.96 12.00
CA PRO B 302 -2.68 -23.31 13.04
C PRO B 302 -3.12 -24.77 13.01
N ARG B 303 -3.34 -25.31 14.21
CA ARG B 303 -3.84 -26.67 14.36
C ARG B 303 -4.78 -26.71 15.56
N ILE B 304 -5.82 -27.57 15.48
CA ILE B 304 -6.59 -27.92 16.67
C ILE B 304 -6.09 -29.27 17.19
N ALA B 305 -5.90 -29.36 18.50
CA ALA B 305 -5.54 -30.62 19.13
C ALA B 305 -6.74 -31.57 19.12
N LEU B 306 -6.56 -32.75 18.52
CA LEU B 306 -7.62 -33.75 18.60
C LEU B 306 -7.59 -34.54 19.90
N ALA B 307 -6.49 -34.45 20.64
CA ALA B 307 -6.36 -35.19 21.89
C ALA B 307 -5.45 -34.40 22.81
N ASP B 308 -5.47 -34.75 24.09
CA ASP B 308 -4.47 -34.22 25.01
C ASP B 308 -3.08 -34.66 24.54
N VAL B 309 -2.16 -33.70 24.47
CA VAL B 309 -0.80 -33.97 24.01
C VAL B 309 0.17 -33.20 24.90
N ARG B 310 1.15 -33.90 25.47
CA ARG B 310 2.22 -33.23 26.20
C ARG B 310 3.25 -32.74 25.19
N LEU B 311 3.47 -31.43 25.17
CA LEU B 311 4.37 -30.79 24.20
C LEU B 311 5.34 -29.95 25.00
N GLY B 312 6.62 -30.30 24.96
CA GLY B 312 7.56 -29.64 25.84
C GLY B 312 7.13 -29.87 27.27
N GLU B 313 6.98 -28.76 28.01
CA GLU B 313 6.52 -28.82 29.38
C GLU B 313 5.04 -28.48 29.53
N VAL B 314 4.31 -28.40 28.42
CA VAL B 314 2.92 -27.95 28.43
C VAL B 314 2.01 -29.13 28.07
N GLU B 315 0.99 -29.34 28.90
CA GLU B 315 -0.08 -30.28 28.59
C GLU B 315 -1.12 -29.53 27.76
N ILE B 316 -1.19 -29.84 26.47
CA ILE B 316 -2.18 -29.22 25.60
C ILE B 316 -3.44 -30.07 25.62
N ARG B 317 -4.59 -29.40 25.74
CA ARG B 317 -5.88 -30.06 25.90
C ARG B 317 -6.55 -30.25 24.55
N ALA B 318 -7.31 -31.34 24.42
CA ALA B 318 -8.10 -31.55 23.21
C ALA B 318 -8.99 -30.33 22.96
N GLY B 319 -9.06 -29.91 21.69
CA GLY B 319 -9.90 -28.78 21.31
C GLY B 319 -9.24 -27.41 21.39
N GLU B 320 -8.00 -27.32 21.86
CA GLU B 320 -7.30 -26.05 21.96
C GLU B 320 -6.54 -25.73 20.68
N LEU B 321 -6.32 -24.43 20.45
CA LEU B 321 -5.62 -23.99 19.25
C LEU B 321 -4.12 -24.02 19.47
N VAL B 322 -3.38 -24.50 18.47
CA VAL B 322 -1.93 -24.57 18.49
C VAL B 322 -1.41 -23.79 17.30
N LEU B 323 -0.40 -22.93 17.54
CA LEU B 323 0.14 -22.05 16.50
C LEU B 323 1.64 -22.29 16.38
N VAL B 324 2.07 -22.79 15.23
CA VAL B 324 3.48 -23.05 14.98
C VAL B 324 4.12 -21.79 14.41
N LEU B 325 5.10 -21.24 15.13
CA LEU B 325 5.78 -20.01 14.73
C LEU B 325 7.00 -20.36 13.89
N ILE B 326 6.87 -20.23 12.57
CA ILE B 326 7.88 -20.73 11.65
C ILE B 326 9.19 -19.98 11.82
N GLU B 327 9.13 -18.67 12.09
CA GLU B 327 10.36 -17.91 12.25
C GLU B 327 11.02 -18.21 13.58
N GLY B 328 10.24 -18.58 14.60
CA GLY B 328 10.87 -19.14 15.78
C GLY B 328 11.74 -20.34 15.45
N ALA B 329 11.17 -21.28 14.69
CA ALA B 329 11.91 -22.51 14.40
C ALA B 329 13.08 -22.24 13.47
N ASN B 330 12.87 -21.42 12.44
CA ASN B 330 13.89 -21.26 11.42
C ASN B 330 15.07 -20.41 11.88
N TYR B 331 14.95 -19.72 13.02
CA TYR B 331 16.04 -18.96 13.61
C TYR B 331 16.54 -19.58 14.93
N ASP B 332 16.15 -20.82 15.22
CA ASP B 332 16.51 -21.50 16.45
C ASP B 332 17.99 -21.87 16.44
N PRO B 333 18.81 -21.30 17.33
CA PRO B 333 20.26 -21.60 17.30
C PRO B 333 20.61 -23.05 17.61
N ALA B 334 19.72 -23.81 18.27
CA ALA B 334 20.00 -25.21 18.50
C ALA B 334 20.18 -25.97 17.20
N VAL B 335 19.62 -25.46 16.10
CA VAL B 335 19.63 -26.14 14.82
C VAL B 335 20.42 -25.35 13.79
N PHE B 336 20.31 -24.03 13.82
CA PHE B 336 20.94 -23.18 12.82
C PHE B 336 21.95 -22.27 13.52
N PRO B 337 23.26 -22.52 13.41
CA PRO B 337 24.23 -21.58 13.99
C PRO B 337 24.13 -20.24 13.30
N HIS B 338 24.56 -19.19 14.03
CA HIS B 338 24.38 -17.79 13.64
C HIS B 338 23.10 -17.62 12.84
N PRO B 339 21.95 -17.93 13.43
CA PRO B 339 20.71 -17.95 12.64
C PRO B 339 20.38 -16.59 12.07
N GLU B 340 20.84 -15.51 12.72
CA GLU B 340 20.54 -14.15 12.32
C GLU B 340 21.37 -13.68 11.13
N ARG B 341 22.30 -14.50 10.65
CA ARG B 341 23.16 -14.14 9.51
C ARG B 341 22.84 -15.04 8.31
N ILE B 342 22.54 -14.41 7.17
CA ILE B 342 22.33 -15.17 5.95
C ILE B 342 23.64 -15.84 5.57
N ASP B 343 23.54 -17.10 5.14
CA ASP B 343 24.72 -17.93 4.95
C ASP B 343 24.35 -18.94 3.86
N PHE B 344 24.87 -18.72 2.66
CA PHE B 344 24.61 -19.59 1.50
C PHE B 344 25.40 -20.91 1.54
N ASP B 345 26.20 -21.15 2.57
CA ASP B 345 27.08 -22.33 2.60
C ASP B 345 26.91 -23.15 3.87
N ARG B 346 25.69 -23.20 4.42
CA ARG B 346 25.44 -24.06 5.57
C ARG B 346 25.58 -25.53 5.19
N GLU B 347 26.23 -26.30 6.07
CA GLU B 347 26.32 -27.75 5.89
C GLU B 347 24.94 -28.37 5.77
N SER B 348 24.02 -27.98 6.65
CA SER B 348 22.66 -28.47 6.69
C SER B 348 21.71 -27.28 6.69
N ASN B 349 20.53 -27.45 6.08
CA ASN B 349 19.48 -26.43 6.17
C ASN B 349 18.10 -27.08 6.17
N PRO B 350 17.73 -27.73 7.28
CA PRO B 350 16.41 -28.39 7.37
C PRO B 350 15.28 -27.47 7.86
N HIS B 351 15.16 -26.31 7.23
CA HIS B 351 14.20 -25.30 7.66
C HIS B 351 12.74 -25.71 7.42
N LEU B 352 11.84 -25.01 8.11
CA LEU B 352 10.40 -25.27 8.06
C LEU B 352 9.63 -24.22 7.25
N ALA B 353 10.29 -23.56 6.30
CA ALA B 353 9.65 -22.47 5.57
C ALA B 353 8.46 -22.95 4.75
N PHE B 354 8.46 -24.21 4.35
CA PHE B 354 7.36 -24.84 3.62
C PHE B 354 6.49 -25.70 4.52
N GLY B 355 6.65 -25.60 5.84
CA GLY B 355 5.96 -26.46 6.76
C GLY B 355 6.62 -27.82 6.81
N GLY B 356 5.93 -28.77 7.43
CA GLY B 356 6.42 -30.14 7.50
C GLY B 356 5.29 -31.11 7.77
N GLY B 357 5.64 -32.40 7.75
CA GLY B 357 4.63 -33.40 8.03
C GLY B 357 3.57 -33.45 6.93
N GLN B 358 2.36 -33.88 7.29
CA GLN B 358 1.33 -34.14 6.29
C GLN B 358 1.01 -32.95 5.40
N HIS B 359 1.11 -31.73 5.90
CA HIS B 359 0.70 -30.57 5.12
C HIS B 359 1.87 -29.77 4.56
N PHE B 360 3.08 -30.33 4.59
CA PHE B 360 4.22 -29.76 3.85
C PHE B 360 3.76 -29.28 2.48
N CYS B 361 4.21 -28.09 2.11
CA CYS B 361 3.73 -27.43 0.91
C CYS B 361 3.86 -28.33 -0.31
N PRO B 362 2.75 -28.63 -1.00
CA PRO B 362 2.82 -29.44 -2.23
C PRO B 362 3.41 -28.71 -3.40
N ALA B 363 3.68 -27.41 -3.27
CA ALA B 363 4.21 -26.62 -4.37
C ALA B 363 5.66 -26.18 -4.13
N SER B 364 6.35 -26.82 -3.18
CA SER B 364 7.66 -26.33 -2.75
C SER B 364 8.62 -26.17 -3.94
N ALA B 365 8.66 -27.18 -4.82
CA ALA B 365 9.55 -27.13 -5.98
C ALA B 365 9.20 -25.95 -6.89
N LEU B 366 7.91 -25.69 -7.05
CA LEU B 366 7.48 -24.54 -7.86
C LEU B 366 7.86 -23.22 -7.17
N GLY B 367 7.58 -23.11 -5.87
CA GLY B 367 8.02 -21.93 -5.14
C GLY B 367 9.50 -21.66 -5.29
N ARG B 368 10.34 -22.71 -5.15
CA ARG B 368 11.78 -22.56 -5.37
C ARG B 368 12.08 -22.09 -6.78
N THR B 369 11.51 -22.76 -7.78
CA THR B 369 11.78 -22.40 -9.18
C THR B 369 11.37 -20.96 -9.46
N HIS B 370 10.21 -20.55 -8.98
CA HIS B 370 9.73 -19.18 -9.16
C HIS B 370 10.76 -18.17 -8.66
N ALA B 371 11.26 -18.37 -7.43
CA ALA B 371 12.19 -17.42 -6.83
C ALA B 371 13.59 -17.53 -7.42
N GLU B 372 14.08 -18.75 -7.66
CA GLU B 372 15.39 -18.90 -8.28
C GLU B 372 15.48 -18.11 -9.57
N ILE B 373 14.47 -18.27 -10.42
CA ILE B 373 14.51 -17.66 -11.75
C ILE B 373 14.43 -16.15 -11.65
N ALA B 374 13.56 -15.63 -10.79
CA ALA B 374 13.40 -14.18 -10.63
C ALA B 374 14.67 -13.53 -10.10
N LEU B 375 15.29 -14.13 -9.07
CA LEU B 375 16.48 -13.52 -8.47
C LEU B 375 17.67 -13.61 -9.41
N THR B 376 17.80 -14.73 -10.15
CA THR B 376 18.86 -14.84 -11.16
C THR B 376 18.76 -13.71 -12.17
N ALA B 377 17.56 -13.45 -12.69
CA ALA B 377 17.37 -12.34 -13.62
C ALA B 377 17.60 -11.00 -12.92
N LEU B 378 17.23 -10.91 -11.64
CA LEU B 378 17.37 -9.65 -10.93
C LEU B 378 18.84 -9.25 -10.77
N VAL B 379 19.69 -10.18 -10.30
CA VAL B 379 21.07 -9.79 -10.05
C VAL B 379 21.81 -9.54 -11.36
N GLU B 380 21.36 -10.18 -12.46
CA GLU B 380 21.97 -9.91 -13.76
C GLU B 380 21.57 -8.54 -14.28
N LYS B 381 20.26 -8.22 -14.21
CA LYS B 381 19.76 -6.96 -14.84
C LYS B 381 20.01 -5.71 -13.97
N LEU B 382 19.93 -5.84 -12.65
CA LEU B 382 20.08 -4.70 -11.74
C LEU B 382 21.27 -4.95 -10.81
N PRO B 383 22.50 -4.94 -11.36
CA PRO B 383 23.66 -5.30 -10.51
C PRO B 383 23.93 -4.32 -9.37
N ALA B 384 23.45 -3.08 -9.42
CA ALA B 384 23.69 -2.15 -8.33
C ALA B 384 22.46 -1.98 -7.44
N LEU B 385 21.53 -2.94 -7.49
CA LEU B 385 20.30 -2.93 -6.72
C LEU B 385 20.53 -2.56 -5.25
N ARG B 386 19.77 -1.59 -4.78
CA ARG B 386 19.79 -1.17 -3.39
C ARG B 386 18.46 -0.50 -3.11
N LEU B 387 18.10 -0.40 -1.84
CA LEU B 387 16.87 0.27 -1.45
C LEU B 387 17.01 1.77 -1.67
N ALA B 388 15.90 2.42 -1.98
CA ALA B 388 15.90 3.84 -2.31
C ALA B 388 15.93 4.72 -1.07
N LEU B 389 15.72 4.13 0.10
CA LEU B 389 15.63 4.83 1.37
C LEU B 389 15.97 3.83 2.46
N PRO B 390 16.16 4.26 3.70
CA PRO B 390 16.54 3.31 4.76
C PRO B 390 15.47 2.22 4.96
N VAL B 391 15.94 0.99 5.20
CA VAL B 391 15.04 -0.17 5.29
C VAL B 391 13.98 0.03 6.38
N GLU B 392 14.33 0.73 7.47
CA GLU B 392 13.42 1.00 8.59
C GLU B 392 12.26 1.89 8.20
N GLN B 393 12.30 2.50 7.00
CA GLN B 393 11.24 3.40 6.54
C GLN B 393 10.32 2.74 5.52
N LEU B 394 10.55 1.47 5.20
CA LEU B 394 9.58 0.70 4.43
C LEU B 394 8.24 0.65 5.17
N ALA B 395 7.15 0.71 4.41
CA ALA B 395 5.82 0.58 4.96
C ALA B 395 5.44 -0.90 4.95
N TRP B 396 5.28 -1.49 6.13
CA TRP B 396 4.92 -2.90 6.23
C TRP B 396 3.41 -3.03 6.36
N ARG B 397 2.83 -3.89 5.54
CA ARG B 397 1.38 -3.98 5.48
C ARG B 397 0.84 -4.51 6.81
N PRO B 398 -0.17 -3.87 7.40
CA PRO B 398 -0.84 -4.41 8.58
C PRO B 398 -1.97 -5.37 8.23
N GLY B 399 -2.34 -6.17 9.22
CA GLY B 399 -3.58 -6.95 9.16
C GLY B 399 -3.70 -7.88 7.97
N PHE B 400 -2.62 -8.58 7.65
CA PHE B 400 -2.56 -9.44 6.48
C PHE B 400 -1.85 -10.73 6.88
N ILE B 401 -2.23 -11.83 6.23
CA ILE B 401 -1.61 -13.11 6.56
C ILE B 401 -0.10 -13.08 6.29
N LYS B 402 0.32 -12.38 5.24
CA LYS B 402 1.73 -12.24 4.93
C LYS B 402 2.27 -10.91 5.47
N ARG B 403 3.53 -10.93 5.95
CA ARG B 403 4.36 -9.73 6.04
C ARG B 403 4.88 -9.34 4.66
N LEU B 404 4.69 -8.08 4.29
CA LEU B 404 5.20 -7.59 3.02
C LEU B 404 5.35 -6.09 3.08
N PRO B 405 6.29 -5.51 2.33
CA PRO B 405 6.31 -4.05 2.15
C PRO B 405 5.23 -3.63 1.17
N GLU B 406 4.47 -2.58 1.54
CA GLU B 406 3.43 -2.06 0.66
C GLU B 406 4.02 -1.65 -0.69
N ARG B 407 5.18 -1.00 -0.65
CA ARG B 407 5.98 -0.66 -1.79
C ARG B 407 7.40 -1.09 -1.49
N LEU B 408 8.16 -1.42 -2.54
CA LEU B 408 9.56 -1.87 -2.40
C LEU B 408 10.41 -0.99 -3.31
N PRO B 409 10.68 0.25 -2.91
CA PRO B 409 11.37 1.19 -3.81
C PRO B 409 12.87 0.95 -3.78
N VAL B 410 13.46 0.84 -4.97
CA VAL B 410 14.88 0.50 -5.09
C VAL B 410 15.55 1.37 -6.13
N LEU B 411 16.87 1.48 -6.00
CA LEU B 411 17.72 2.13 -6.98
C LEU B 411 18.66 1.09 -7.60
N TRP B 412 19.27 1.45 -8.73
CA TRP B 412 20.24 0.56 -9.39
C TRP B 412 21.09 1.35 -10.40
#